data_1DVL
# 
_entry.id   1DVL 
# 
_audit_conform.dict_name       mmcif_pdbx.dic 
_audit_conform.dict_version    5.385 
_audit_conform.dict_location   http://mmcif.pdb.org/dictionaries/ascii/mmcif_pdbx.dic 
# 
loop_
_database_2.database_id 
_database_2.database_code 
_database_2.pdbx_database_accession 
_database_2.pdbx_DOI 
PDB   1DVL         pdb_00001dvl 10.2210/pdb1dvl/pdb 
NDB   DD0024       ?            ?                   
RCSB  RCSB010410   ?            ?                   
WWPDB D_1000010410 ?            ?                   
# 
loop_
_pdbx_audit_revision_history.ordinal 
_pdbx_audit_revision_history.data_content_type 
_pdbx_audit_revision_history.major_revision 
_pdbx_audit_revision_history.minor_revision 
_pdbx_audit_revision_history.revision_date 
1 'Structure model' 1 0 2002-03-29 
2 'Structure model' 1 1 2008-04-27 
3 'Structure model' 1 2 2011-07-13 
4 'Structure model' 1 3 2017-10-04 
5 'Structure model' 1 4 2024-02-07 
# 
_pdbx_audit_revision_details.ordinal             1 
_pdbx_audit_revision_details.revision_ordinal    1 
_pdbx_audit_revision_details.data_content_type   'Structure model' 
_pdbx_audit_revision_details.provider            repository 
_pdbx_audit_revision_details.type                'Initial release' 
_pdbx_audit_revision_details.description         ? 
_pdbx_audit_revision_details.details             ? 
# 
loop_
_pdbx_audit_revision_group.ordinal 
_pdbx_audit_revision_group.revision_ordinal 
_pdbx_audit_revision_group.data_content_type 
_pdbx_audit_revision_group.group 
1 2 'Structure model' 'Version format compliance' 
2 3 'Structure model' 'Version format compliance' 
3 4 'Structure model' 'Refinement description'    
4 5 'Structure model' 'Data collection'           
5 5 'Structure model' 'Database references'       
6 5 'Structure model' 'Derived calculations'      
# 
loop_
_pdbx_audit_revision_category.ordinal 
_pdbx_audit_revision_category.revision_ordinal 
_pdbx_audit_revision_category.data_content_type 
_pdbx_audit_revision_category.category 
1 4 'Structure model' software       
2 5 'Structure model' chem_comp_atom 
3 5 'Structure model' chem_comp_bond 
4 5 'Structure model' database_2     
5 5 'Structure model' struct_site    
# 
loop_
_pdbx_audit_revision_item.ordinal 
_pdbx_audit_revision_item.revision_ordinal 
_pdbx_audit_revision_item.data_content_type 
_pdbx_audit_revision_item.item 
1 5 'Structure model' '_database_2.pdbx_DOI'                
2 5 'Structure model' '_database_2.pdbx_database_accession' 
3 5 'Structure model' '_struct_site.pdbx_auth_asym_id'      
4 5 'Structure model' '_struct_site.pdbx_auth_comp_id'      
5 5 'Structure model' '_struct_site.pdbx_auth_seq_id'       
# 
_pdbx_database_status.status_code                     REL 
_pdbx_database_status.entry_id                        1DVL 
_pdbx_database_status.recvd_initial_deposition_date   2000-01-21 
_pdbx_database_status.deposit_site                    RCSB 
_pdbx_database_status.process_site                    RCSB 
_pdbx_database_status.status_code_sf                  REL 
_pdbx_database_status.SG_entry                        . 
_pdbx_database_status.pdb_format_compatible           Y 
_pdbx_database_status.status_code_mr                  ? 
_pdbx_database_status.status_code_cs                  ? 
_pdbx_database_status.methods_development_category    ? 
_pdbx_database_status.status_code_nmr_data            ? 
# 
loop_
_audit_author.name 
_audit_author.pdbx_ordinal 
'Shi, K.'           1 
'Mitra, S.N.'       2 
'Sundaralingam, M.' 3 
# 
_citation.id                        primary 
_citation.title                     'Structure of the 1:1 netropsin-decamer d(CCIICICCII)2 complex with a single bound netropsin.' 
_citation.journal_abbrev            'Acta Crystallogr.,Sect.D' 
_citation.journal_volume            58 
_citation.page_first                601 
_citation.page_last                 606 
_citation.year                      2002 
_citation.journal_id_ASTM           ABCRE6 
_citation.country                   DK 
_citation.journal_id_ISSN           0907-4449 
_citation.journal_id_CSD            0766 
_citation.book_publisher            ? 
_citation.pdbx_database_id_PubMed   11914483 
_citation.pdbx_database_id_DOI      10.1107/S0907444902001889 
# 
loop_
_citation_author.citation_id 
_citation_author.name 
_citation_author.ordinal 
_citation_author.identifier_ORCID 
primary 'Shi, K.'           1 ? 
primary 'Mitra, S.N.'       2 ? 
primary 'Sundaralingam, M.' 3 ? 
# 
loop_
_entity.id 
_entity.type 
_entity.src_method 
_entity.pdbx_description 
_entity.formula_weight 
_entity.pdbx_number_of_molecules 
_entity.pdbx_ec 
_entity.pdbx_mutation 
_entity.pdbx_fragment 
_entity.details 
1 polymer     syn "5'-D(*CP*CP*IP*IP*CP*IP*CP*CP*IP*I)-3'" 2971.911 2  ? ? ? ? 
2 non-polymer syn NETROPSIN                                430.464  1  ? ? ? ? 
3 water       nat water                                    18.015   31 ? ? ? ? 
# 
_entity_poly.entity_id                      1 
_entity_poly.type                           polydeoxyribonucleotide 
_entity_poly.nstd_linkage                   no 
_entity_poly.nstd_monomer                   no 
_entity_poly.pdbx_seq_one_letter_code       '(DC)(DC)(DI)(DI)(DC)(DI)(DC)(DC)(DI)(DI)' 
_entity_poly.pdbx_seq_one_letter_code_can   CCIICICCII 
_entity_poly.pdbx_strand_id                 A,B 
_entity_poly.pdbx_target_identifier         ? 
# 
loop_
_pdbx_entity_nonpoly.entity_id 
_pdbx_entity_nonpoly.name 
_pdbx_entity_nonpoly.comp_id 
2 NETROPSIN NT  
3 water     HOH 
# 
loop_
_entity_poly_seq.entity_id 
_entity_poly_seq.num 
_entity_poly_seq.mon_id 
_entity_poly_seq.hetero 
1 1  DC n 
1 2  DC n 
1 3  DI n 
1 4  DI n 
1 5  DC n 
1 6  DI n 
1 7  DC n 
1 8  DC n 
1 9  DI n 
1 10 DI n 
# 
loop_
_chem_comp.id 
_chem_comp.type 
_chem_comp.mon_nstd_flag 
_chem_comp.name 
_chem_comp.pdbx_synonyms 
_chem_comp.formula 
_chem_comp.formula_weight 
DC  'DNA linking' y "2'-DEOXYCYTIDINE-5'-MONOPHOSPHATE" ? 'C9 H14 N3 O7 P'  307.197 
DI  'DNA linking' y "2'-DEOXYINOSINE-5'-MONOPHOSPHATE"  ? 'C10 H13 N4 O7 P' 332.207 
HOH non-polymer   . WATER                               ? 'H2 O'            18.015  
NT  non-polymer   . NETROPSIN                           ? 'C18 H26 N10 O3'  430.464 
# 
loop_
_pdbx_poly_seq_scheme.asym_id 
_pdbx_poly_seq_scheme.entity_id 
_pdbx_poly_seq_scheme.seq_id 
_pdbx_poly_seq_scheme.mon_id 
_pdbx_poly_seq_scheme.ndb_seq_num 
_pdbx_poly_seq_scheme.pdb_seq_num 
_pdbx_poly_seq_scheme.auth_seq_num 
_pdbx_poly_seq_scheme.pdb_mon_id 
_pdbx_poly_seq_scheme.auth_mon_id 
_pdbx_poly_seq_scheme.pdb_strand_id 
_pdbx_poly_seq_scheme.pdb_ins_code 
_pdbx_poly_seq_scheme.hetero 
A 1 1  DC 1  1  1  DC C A . n 
A 1 2  DC 2  2  2  DC C A . n 
A 1 3  DI 3  3  3  DI I A . n 
A 1 4  DI 4  4  4  DI I A . n 
A 1 5  DC 5  5  5  DC C A . n 
A 1 6  DI 6  6  6  DI I A . n 
A 1 7  DC 7  7  7  DC C A . n 
A 1 8  DC 8  8  8  DC C A . n 
A 1 9  DI 9  9  9  DI I A . n 
A 1 10 DI 10 10 10 DI I A . n 
B 1 1  DC 1  11 11 DC C B . n 
B 1 2  DC 2  12 12 DC C B . n 
B 1 3  DI 3  13 13 DI I B . n 
B 1 4  DI 4  14 14 DI I B . n 
B 1 5  DC 5  15 15 DC C B . n 
B 1 6  DI 6  16 16 DI I B . n 
B 1 7  DC 7  17 17 DC C B . n 
B 1 8  DC 8  18 18 DC C B . n 
B 1 9  DI 9  19 19 DI I B . n 
B 1 10 DI 10 20 20 DI I B . n 
# 
loop_
_pdbx_nonpoly_scheme.asym_id 
_pdbx_nonpoly_scheme.entity_id 
_pdbx_nonpoly_scheme.mon_id 
_pdbx_nonpoly_scheme.ndb_seq_num 
_pdbx_nonpoly_scheme.pdb_seq_num 
_pdbx_nonpoly_scheme.auth_seq_num 
_pdbx_nonpoly_scheme.pdb_mon_id 
_pdbx_nonpoly_scheme.auth_mon_id 
_pdbx_nonpoly_scheme.pdb_strand_id 
_pdbx_nonpoly_scheme.pdb_ins_code 
C 2 NT  1  25  25  NT  NT  A . 
D 3 HOH 1  103 103 HOH HOH A . 
D 3 HOH 2  106 106 HOH HOH A . 
D 3 HOH 3  107 107 HOH HOH A . 
D 3 HOH 4  113 113 HOH HOH A . 
D 3 HOH 5  115 115 HOH HOH A . 
D 3 HOH 6  121 121 HOH HOH A . 
D 3 HOH 7  125 125 HOH HOH A . 
D 3 HOH 8  128 128 HOH HOH A . 
D 3 HOH 9  129 129 HOH HOH A . 
D 3 HOH 10 130 130 HOH HOH A . 
E 3 HOH 1  101 101 HOH HOH B . 
E 3 HOH 2  102 102 HOH HOH B . 
E 3 HOH 3  105 105 HOH HOH B . 
E 3 HOH 4  108 108 HOH HOH B . 
E 3 HOH 5  109 109 HOH HOH B . 
E 3 HOH 6  110 110 HOH HOH B . 
E 3 HOH 7  111 111 HOH HOH B . 
E 3 HOH 8  112 112 HOH HOH B . 
E 3 HOH 9  114 114 HOH HOH B . 
E 3 HOH 10 116 116 HOH HOH B . 
E 3 HOH 11 117 117 HOH HOH B . 
E 3 HOH 12 118 118 HOH HOH B . 
E 3 HOH 13 119 119 HOH HOH B . 
E 3 HOH 14 120 120 HOH HOH B . 
E 3 HOH 15 122 122 HOH HOH B . 
E 3 HOH 16 123 123 HOH HOH B . 
E 3 HOH 17 124 124 HOH HOH B . 
E 3 HOH 18 126 126 HOH HOH B . 
E 3 HOH 19 127 127 HOH HOH B . 
E 3 HOH 20 131 131 HOH HOH B . 
E 3 HOH 21 132 132 HOH HOH B . 
# 
loop_
_software.name 
_software.classification 
_software.version 
_software.citation_id 
_software.pdbx_ordinal 
X-PLOR 'model building' .   ? 1 
X-PLOR refinement       3.1 ? 2 
X-PLOR phasing          .   ? 3 
# 
_cell.entry_id           1DVL 
_cell.length_a           62.400 
_cell.length_b           24.470 
_cell.length_c           36.310 
_cell.angle_alpha        90.00 
_cell.angle_beta         110.09 
_cell.angle_gamma        90.00 
_cell.Z_PDB              8 
_cell.pdbx_unique_axis   ? 
# 
_symmetry.entry_id                         1DVL 
_symmetry.space_group_name_H-M             'C 1 2 1' 
_symmetry.pdbx_full_space_group_name_H-M   ? 
_symmetry.cell_setting                     monoclinic 
_symmetry.Int_Tables_number                5 
# 
_exptl.entry_id          1DVL 
_exptl.method            'X-RAY DIFFRACTION' 
_exptl.crystals_number   1 
# 
_exptl_crystal.id                    1 
_exptl_crystal.density_meas          ? 
_exptl_crystal.density_percent_sol   40.81 
_exptl_crystal.density_Matthews      2.08 
_exptl_crystal.description           ? 
# 
_exptl_crystal_grow.crystal_id      1 
_exptl_crystal_grow.method          'VAPOR DIFFUSION, HANGING DROP' 
_exptl_crystal_grow.temp            293 
_exptl_crystal_grow.temp_details    ? 
_exptl_crystal_grow.pH              6.5 
_exptl_crystal_grow.pdbx_details    
'4 MM DNA (SINGLE STRAND), 0.008M MGCL2, 0.04 M NA CACODYLATE (PH 6.5), 2MM NETROPSIN, VAPOR DIFFUSION, HANGING DROP at 293K' 
_exptl_crystal_grow.pdbx_pH_range   . 
# 
loop_
_exptl_crystal_grow_comp.crystal_id 
_exptl_crystal_grow_comp.id 
_exptl_crystal_grow_comp.sol_id 
_exptl_crystal_grow_comp.name 
_exptl_crystal_grow_comp.volume 
_exptl_crystal_grow_comp.conc 
_exptl_crystal_grow_comp.details 
1 1 1 'SODIUM CACODYLATE' ? ? ? 
1 2 1 MGCL2               ? ? ? 
1 3 2 MGCL2               ? ? ? 
# 
_diffrn.id                     1 
_diffrn.ambient_temp           293 
_diffrn.ambient_temp_details   ? 
_diffrn.crystal_id             1 
# 
_diffrn_detector.diffrn_id              1 
_diffrn_detector.detector               'IMAGE PLATE' 
_diffrn_detector.type                   'RIGAKU RAXIS IIC' 
_diffrn_detector.pdbx_collection_date   ? 
_diffrn_detector.details                ? 
# 
_diffrn_radiation.diffrn_id                        1 
_diffrn_radiation.wavelength_id                    1 
_diffrn_radiation.pdbx_monochromatic_or_laue_m_l   M 
_diffrn_radiation.monochromator                    GRAPHITE 
_diffrn_radiation.pdbx_diffrn_protocol             'SINGLE WAVELENGTH' 
_diffrn_radiation.pdbx_scattering_type             x-ray 
# 
_diffrn_radiation_wavelength.id           1 
_diffrn_radiation_wavelength.wavelength   1.5418 
_diffrn_radiation_wavelength.wt           1.0 
# 
_diffrn_source.diffrn_id                   1 
_diffrn_source.source                      'ROTATING ANODE' 
_diffrn_source.type                        RIGAKU 
_diffrn_source.pdbx_synchrotron_site       ? 
_diffrn_source.pdbx_synchrotron_beamline   ? 
_diffrn_source.pdbx_wavelength             1.5418 
_diffrn_source.pdbx_wavelength_list        ? 
# 
_reflns.entry_id                     1DVL 
_reflns.observed_criterion_sigma_I   1.0 
_reflns.observed_criterion_sigma_F   ? 
_reflns.d_resolution_low             ? 
_reflns.d_resolution_high            2.40 
_reflns.number_obs                   1795 
_reflns.number_all                   ? 
_reflns.percent_possible_obs         ? 
_reflns.pdbx_Rmerge_I_obs            0.0370000 
_reflns.pdbx_Rsym_value              ? 
_reflns.pdbx_netI_over_sigmaI        ? 
_reflns.B_iso_Wilson_estimate        ? 
_reflns.pdbx_redundancy              ? 
_reflns.R_free_details               ? 
_reflns.pdbx_diffrn_id               1 
_reflns.pdbx_ordinal                 1 
# 
_reflns_shell.d_res_high             2.40 
_reflns_shell.d_res_low              2.50 
_reflns_shell.percent_possible_all   ? 
_reflns_shell.Rmerge_I_obs           ? 
_reflns_shell.pdbx_Rsym_value        ? 
_reflns_shell.meanI_over_sigI_obs    ? 
_reflns_shell.pdbx_redundancy        ? 
_reflns_shell.percent_possible_obs   ? 
_reflns_shell.number_unique_all      ? 
_reflns_shell.pdbx_diffrn_id         ? 
_reflns_shell.pdbx_ordinal           1 
# 
_refine.entry_id                                 1DVL 
_refine.ls_number_reflns_obs                     1795 
_refine.ls_number_reflns_all                     ? 
_refine.pdbx_ls_sigma_I                          ? 
_refine.pdbx_ls_sigma_F                          2.0 
_refine.pdbx_data_cutoff_high_absF               ? 
_refine.pdbx_data_cutoff_low_absF                ? 
_refine.pdbx_data_cutoff_high_rms_absF           ? 
_refine.ls_d_res_low                             8.0 
_refine.ls_d_res_high                            2.4 
_refine.ls_percent_reflns_obs                    85.8 
_refine.ls_R_factor_obs                          0.1960000 
_refine.ls_R_factor_all                          0.1960000 
_refine.ls_R_factor_R_work                       0.1960000 
_refine.ls_R_factor_R_free                       0.2450000 
_refine.ls_R_factor_R_free_error                 ? 
_refine.ls_R_factor_R_free_error_details         ? 
_refine.ls_percent_reflns_R_free                 10 
_refine.ls_number_reflns_R_free                  ? 
_refine.ls_number_parameters                     ? 
_refine.ls_number_restraints                     ? 
_refine.occupancy_min                            ? 
_refine.occupancy_max                            ? 
_refine.B_iso_mean                               ? 
_refine.aniso_B[1][1]                            ? 
_refine.aniso_B[2][2]                            ? 
_refine.aniso_B[3][3]                            ? 
_refine.aniso_B[1][2]                            ? 
_refine.aniso_B[1][3]                            ? 
_refine.aniso_B[2][3]                            ? 
_refine.solvent_model_details                    ? 
_refine.solvent_model_param_ksol                 ? 
_refine.solvent_model_param_bsol                 ? 
_refine.pdbx_ls_cross_valid_method               THROUGHOUT 
_refine.details                                  ? 
_refine.pdbx_starting_model                      ? 
_refine.pdbx_method_to_determine_struct          'MOLECULAR REPLACEMENT' 
_refine.pdbx_isotropic_thermal_model             ? 
_refine.pdbx_stereochemistry_target_values       ? 
_refine.pdbx_stereochem_target_val_spec_case     ? 
_refine.pdbx_R_Free_selection_details            RANDOM 
_refine.pdbx_overall_ESU_R                       ? 
_refine.pdbx_overall_ESU_R_Free                  ? 
_refine.overall_SU_ML                            ? 
_refine.overall_SU_B                             ? 
_refine.ls_redundancy_reflns_obs                 ? 
_refine.correlation_coeff_Fo_to_Fc               ? 
_refine.overall_SU_R_Cruickshank_DPI             ? 
_refine.overall_SU_R_free                        ? 
_refine.correlation_coeff_Fo_to_Fc_free          ? 
_refine.pdbx_solvent_vdw_probe_radii             ? 
_refine.pdbx_solvent_ion_probe_radii             ? 
_refine.pdbx_solvent_shrinkage_radii             ? 
_refine.pdbx_refine_id                           'X-RAY DIFFRACTION' 
_refine.pdbx_diffrn_id                           1 
_refine.pdbx_TLS_residual_ADP_flag               ? 
_refine.pdbx_overall_phase_error                 ? 
_refine.pdbx_overall_SU_R_free_Cruickshank_DPI   ? 
_refine.pdbx_overall_SU_R_Blow_DPI               ? 
_refine.pdbx_overall_SU_R_free_Blow_DPI          ? 
# 
_refine_hist.pdbx_refine_id                   'X-RAY DIFFRACTION' 
_refine_hist.cycle_id                         LAST 
_refine_hist.pdbx_number_atoms_protein        0 
_refine_hist.pdbx_number_atoms_nucleic_acid   394 
_refine_hist.pdbx_number_atoms_ligand         31 
_refine_hist.number_atoms_solvent             31 
_refine_hist.number_atoms_total               456 
_refine_hist.d_res_high                       2.4 
_refine_hist.d_res_low                        8.0 
# 
loop_
_refine_ls_restr.type 
_refine_ls_restr.dev_ideal 
_refine_ls_restr.dev_ideal_target 
_refine_ls_restr.weight 
_refine_ls_restr.number 
_refine_ls_restr.pdbx_refine_id 
_refine_ls_restr.pdbx_restraint_function 
x_bond_d                0.013 ? ? ? 'X-RAY DIFFRACTION' ? 
x_bond_d_na             ?     ? ? ? 'X-RAY DIFFRACTION' ? 
x_bond_d_prot           ?     ? ? ? 'X-RAY DIFFRACTION' ? 
x_angle_d               ?     ? ? ? 'X-RAY DIFFRACTION' ? 
x_angle_d_na            ?     ? ? ? 'X-RAY DIFFRACTION' ? 
x_angle_d_prot          ?     ? ? ? 'X-RAY DIFFRACTION' ? 
x_angle_deg             2.1   ? ? ? 'X-RAY DIFFRACTION' ? 
x_angle_deg_na          ?     ? ? ? 'X-RAY DIFFRACTION' ? 
x_angle_deg_prot        ?     ? ? ? 'X-RAY DIFFRACTION' ? 
x_dihedral_angle_d      18.6  ? ? ? 'X-RAY DIFFRACTION' ? 
x_dihedral_angle_d_na   ?     ? ? ? 'X-RAY DIFFRACTION' ? 
x_dihedral_angle_d_prot ?     ? ? ? 'X-RAY DIFFRACTION' ? 
x_improper_angle_d      1.7   ? ? ? 'X-RAY DIFFRACTION' ? 
x_improper_angle_d_na   ?     ? ? ? 'X-RAY DIFFRACTION' ? 
x_improper_angle_d_prot ?     ? ? ? 'X-RAY DIFFRACTION' ? 
x_mcbond_it             ?     ? ? ? 'X-RAY DIFFRACTION' ? 
x_mcangle_it            ?     ? ? ? 'X-RAY DIFFRACTION' ? 
x_scbond_it             ?     ? ? ? 'X-RAY DIFFRACTION' ? 
x_scangle_it            ?     ? ? ? 'X-RAY DIFFRACTION' ? 
# 
_struct.entry_id                  1DVL 
_struct.title                     
'CRYSTAL STRUCTURE OF THE 1:1 NETROPSIN-DECAMER D(CCIICICCII)2 COMPLEX WITH ONLY ONE DRUG BOUND AT ONE END' 
_struct.pdbx_model_details        ? 
_struct.pdbx_CASP_flag            ? 
_struct.pdbx_model_type_details   ? 
# 
_struct_keywords.entry_id        1DVL 
_struct_keywords.pdbx_keywords   DNA 
_struct_keywords.text            'DRUG BINDING, DNA' 
# 
loop_
_struct_asym.id 
_struct_asym.pdbx_blank_PDB_chainid_flag 
_struct_asym.pdbx_modified 
_struct_asym.entity_id 
_struct_asym.details 
A N N 1 ? 
B N N 1 ? 
C N N 2 ? 
D N N 3 ? 
E N N 3 ? 
# 
_struct_ref.id                         1 
_struct_ref.entity_id                  1 
_struct_ref.db_name                    PDB 
_struct_ref.db_code                    1DVL 
_struct_ref.pdbx_db_accession          1DVL 
_struct_ref.pdbx_db_isoform            ? 
_struct_ref.pdbx_seq_one_letter_code   ? 
_struct_ref.pdbx_align_begin           ? 
# 
loop_
_struct_ref_seq.align_id 
_struct_ref_seq.ref_id 
_struct_ref_seq.pdbx_PDB_id_code 
_struct_ref_seq.pdbx_strand_id 
_struct_ref_seq.seq_align_beg 
_struct_ref_seq.pdbx_seq_align_beg_ins_code 
_struct_ref_seq.seq_align_end 
_struct_ref_seq.pdbx_seq_align_end_ins_code 
_struct_ref_seq.pdbx_db_accession 
_struct_ref_seq.db_align_beg 
_struct_ref_seq.pdbx_db_align_beg_ins_code 
_struct_ref_seq.db_align_end 
_struct_ref_seq.pdbx_db_align_end_ins_code 
_struct_ref_seq.pdbx_auth_seq_align_beg 
_struct_ref_seq.pdbx_auth_seq_align_end 
1 1 1DVL A 1 ? 10 ? 1DVL 1  ? 10 ? 1  10 
2 1 1DVL B 1 ? 10 ? 1DVL 11 ? 20 ? 11 20 
# 
_pdbx_struct_assembly.id                   1 
_pdbx_struct_assembly.details              author_defined_assembly 
_pdbx_struct_assembly.method_details       ? 
_pdbx_struct_assembly.oligomeric_details   dimeric 
_pdbx_struct_assembly.oligomeric_count     2 
# 
_pdbx_struct_assembly_gen.assembly_id       1 
_pdbx_struct_assembly_gen.oper_expression   1 
_pdbx_struct_assembly_gen.asym_id_list      A,B,C,D,E 
# 
_pdbx_struct_oper_list.id                   1 
_pdbx_struct_oper_list.type                 'identity operation' 
_pdbx_struct_oper_list.name                 1_555 
_pdbx_struct_oper_list.symmetry_operation   x,y,z 
_pdbx_struct_oper_list.matrix[1][1]         1.0000000000 
_pdbx_struct_oper_list.matrix[1][2]         0.0000000000 
_pdbx_struct_oper_list.matrix[1][3]         0.0000000000 
_pdbx_struct_oper_list.vector[1]            0.0000000000 
_pdbx_struct_oper_list.matrix[2][1]         0.0000000000 
_pdbx_struct_oper_list.matrix[2][2]         1.0000000000 
_pdbx_struct_oper_list.matrix[2][3]         0.0000000000 
_pdbx_struct_oper_list.vector[2]            0.0000000000 
_pdbx_struct_oper_list.matrix[3][1]         0.0000000000 
_pdbx_struct_oper_list.matrix[3][2]         0.0000000000 
_pdbx_struct_oper_list.matrix[3][3]         1.0000000000 
_pdbx_struct_oper_list.vector[3]            0.0000000000 
# 
_struct_biol.id                    1 
_struct_biol.pdbx_parent_biol_id   ? 
_struct_biol.details               ? 
# 
loop_
_struct_site.id 
_struct_site.pdbx_evidence_code 
_struct_site.pdbx_auth_asym_id 
_struct_site.pdbx_auth_comp_id 
_struct_site.pdbx_auth_seq_id 
_struct_site.pdbx_auth_ins_code 
_struct_site.pdbx_num_residues 
_struct_site.details 
AC1 Software A NT 25 ? 10 'BINDING SITE FOR RESIDUE NT A 25' 
1   ?        ? ?  ?  ? ?  ?                                  
# 
loop_
_struct_site_gen.id 
_struct_site_gen.site_id 
_struct_site_gen.pdbx_num_res 
_struct_site_gen.label_comp_id 
_struct_site_gen.label_asym_id 
_struct_site_gen.label_seq_id 
_struct_site_gen.pdbx_auth_ins_code 
_struct_site_gen.auth_comp_id 
_struct_site_gen.auth_asym_id 
_struct_site_gen.auth_seq_id 
_struct_site_gen.label_atom_id 
_struct_site_gen.label_alt_id 
_struct_site_gen.symmetry 
_struct_site_gen.details 
1  AC1 10 DC A 2  ? DC A 2  . ? 1_555 ? 
2  AC1 10 DI A 3  ? DI A 3  . ? 1_555 ? 
3  AC1 10 DI A 4  ? DI A 4  . ? 1_555 ? 
4  AC1 10 DC A 5  ? DC A 5  . ? 1_555 ? 
5  AC1 10 DI A 6  ? DI A 6  . ? 1_555 ? 
6  AC1 10 DI B 6  ? DI B 16 . ? 1_555 ? 
7  AC1 10 DC B 7  ? DC B 17 . ? 1_555 ? 
8  AC1 10 DC B 8  ? DC B 18 . ? 1_555 ? 
9  AC1 10 DI B 9  ? DI B 19 . ? 1_555 ? 
10 AC1 10 DI B 10 ? DI B 20 . ? 1_555 ? 
# 
_pdbx_validate_close_contact.id               1 
_pdbx_validate_close_contact.PDB_model_num    1 
_pdbx_validate_close_contact.auth_atom_id_1   N1 
_pdbx_validate_close_contact.auth_asym_id_1   A 
_pdbx_validate_close_contact.auth_comp_id_1   DI 
_pdbx_validate_close_contact.auth_seq_id_1    4 
_pdbx_validate_close_contact.PDB_ins_code_1   ? 
_pdbx_validate_close_contact.label_alt_id_1   ? 
_pdbx_validate_close_contact.auth_atom_id_2   N3 
_pdbx_validate_close_contact.auth_asym_id_2   B 
_pdbx_validate_close_contact.auth_comp_id_2   DC 
_pdbx_validate_close_contact.auth_seq_id_2    17 
_pdbx_validate_close_contact.PDB_ins_code_2   ? 
_pdbx_validate_close_contact.label_alt_id_2   ? 
_pdbx_validate_close_contact.dist             2.12 
# 
_struct_site_keywords.site_id   1 
_struct_site_keywords.text      'MINOR GROOVE BINDER' 
# 
loop_
_chem_comp_atom.comp_id 
_chem_comp_atom.atom_id 
_chem_comp_atom.type_symbol 
_chem_comp_atom.pdbx_aromatic_flag 
_chem_comp_atom.pdbx_stereo_config 
_chem_comp_atom.pdbx_ordinal 
DC  OP3    O N N 1   
DC  P      P N N 2   
DC  OP1    O N N 3   
DC  OP2    O N N 4   
DC  "O5'"  O N N 5   
DC  "C5'"  C N N 6   
DC  "C4'"  C N R 7   
DC  "O4'"  O N N 8   
DC  "C3'"  C N S 9   
DC  "O3'"  O N N 10  
DC  "C2'"  C N N 11  
DC  "C1'"  C N R 12  
DC  N1     N N N 13  
DC  C2     C N N 14  
DC  O2     O N N 15  
DC  N3     N N N 16  
DC  C4     C N N 17  
DC  N4     N N N 18  
DC  C5     C N N 19  
DC  C6     C N N 20  
DC  HOP3   H N N 21  
DC  HOP2   H N N 22  
DC  "H5'"  H N N 23  
DC  "H5''" H N N 24  
DC  "H4'"  H N N 25  
DC  "H3'"  H N N 26  
DC  "HO3'" H N N 27  
DC  "H2'"  H N N 28  
DC  "H2''" H N N 29  
DC  "H1'"  H N N 30  
DC  H41    H N N 31  
DC  H42    H N N 32  
DC  H5     H N N 33  
DC  H6     H N N 34  
DI  OP3    O N N 35  
DI  P      P N N 36  
DI  OP1    O N N 37  
DI  OP2    O N N 38  
DI  "O5'"  O N N 39  
DI  "C5'"  C N N 40  
DI  "C4'"  C N R 41  
DI  "O4'"  O N N 42  
DI  "C3'"  C N S 43  
DI  "O3'"  O N N 44  
DI  "C2'"  C N N 45  
DI  "C1'"  C N R 46  
DI  N9     N Y N 47  
DI  C8     C Y N 48  
DI  N7     N Y N 49  
DI  C5     C Y N 50  
DI  C6     C N N 51  
DI  O6     O N N 52  
DI  N1     N N N 53  
DI  C2     C N N 54  
DI  N3     N N N 55  
DI  C4     C Y N 56  
DI  HOP3   H N N 57  
DI  HOP2   H N N 58  
DI  "H5'"  H N N 59  
DI  "H5''" H N N 60  
DI  "H4'"  H N N 61  
DI  "H3'"  H N N 62  
DI  "HO3'" H N N 63  
DI  "H2'"  H N N 64  
DI  "H2''" H N N 65  
DI  "H1'"  H N N 66  
DI  H8     H N N 67  
DI  H1     H N N 68  
DI  H2     H N N 69  
HOH O      O N N 70  
HOH H1     H N N 71  
HOH H2     H N N 72  
NT  C1     C N N 73  
NT  N1     N N N 74  
NT  N2     N N N 75  
NT  N3     N N N 76  
NT  C2     C N N 77  
NT  C3     C N N 78  
NT  O1     O N N 79  
NT  N4     N N N 80  
NT  C4     C Y N 81  
NT  C5     C Y N 82  
NT  C6     C Y N 83  
NT  N5     N Y N 84  
NT  C8     C N N 85  
NT  C7     C Y N 86  
NT  C9     C N N 87  
NT  O2     O N N 88  
NT  N6     N N N 89  
NT  C10    C Y N 90  
NT  C11    C Y N 91  
NT  C12    C Y N 92  
NT  N7     N Y N 93  
NT  C14    C N N 94  
NT  C13    C Y N 95  
NT  C15    C N N 96  
NT  O3     O N N 97  
NT  N8     N N N 98  
NT  C16    C N N 99  
NT  C17    C N N 100 
NT  C18    C N N 101 
NT  N9     N N N 102 
NT  N10    N N N 103 
NT  HN1    H N N 104 
NT  HN21   H N N 105 
NT  HN22   H N N 106 
NT  HN3    H N N 107 
NT  H21    H N N 108 
NT  H22    H N N 109 
NT  HN4    H N N 110 
NT  H5     H N N 111 
NT  H81    H N N 112 
NT  H82    H N N 113 
NT  H83    H N N 114 
NT  H7     H N N 115 
NT  HN6    H N N 116 
NT  H11    H N N 117 
NT  H141   H N N 118 
NT  H142   H N N 119 
NT  H143   H N N 120 
NT  H13    H N N 121 
NT  HN8    H N N 122 
NT  H161   H N N 123 
NT  H162   H N N 124 
NT  H171   H N N 125 
NT  H172   H N N 126 
NT  HN9    H N N 127 
NT  HN01   H N N 128 
NT  HN02   H N N 129 
# 
loop_
_chem_comp_bond.comp_id 
_chem_comp_bond.atom_id_1 
_chem_comp_bond.atom_id_2 
_chem_comp_bond.value_order 
_chem_comp_bond.pdbx_aromatic_flag 
_chem_comp_bond.pdbx_stereo_config 
_chem_comp_bond.pdbx_ordinal 
DC  OP3   P      sing N N 1   
DC  OP3   HOP3   sing N N 2   
DC  P     OP1    doub N N 3   
DC  P     OP2    sing N N 4   
DC  P     "O5'"  sing N N 5   
DC  OP2   HOP2   sing N N 6   
DC  "O5'" "C5'"  sing N N 7   
DC  "C5'" "C4'"  sing N N 8   
DC  "C5'" "H5'"  sing N N 9   
DC  "C5'" "H5''" sing N N 10  
DC  "C4'" "O4'"  sing N N 11  
DC  "C4'" "C3'"  sing N N 12  
DC  "C4'" "H4'"  sing N N 13  
DC  "O4'" "C1'"  sing N N 14  
DC  "C3'" "O3'"  sing N N 15  
DC  "C3'" "C2'"  sing N N 16  
DC  "C3'" "H3'"  sing N N 17  
DC  "O3'" "HO3'" sing N N 18  
DC  "C2'" "C1'"  sing N N 19  
DC  "C2'" "H2'"  sing N N 20  
DC  "C2'" "H2''" sing N N 21  
DC  "C1'" N1     sing N N 22  
DC  "C1'" "H1'"  sing N N 23  
DC  N1    C2     sing N N 24  
DC  N1    C6     sing N N 25  
DC  C2    O2     doub N N 26  
DC  C2    N3     sing N N 27  
DC  N3    C4     doub N N 28  
DC  C4    N4     sing N N 29  
DC  C4    C5     sing N N 30  
DC  N4    H41    sing N N 31  
DC  N4    H42    sing N N 32  
DC  C5    C6     doub N N 33  
DC  C5    H5     sing N N 34  
DC  C6    H6     sing N N 35  
DI  OP3   P      sing N N 36  
DI  OP3   HOP3   sing N N 37  
DI  P     OP1    doub N N 38  
DI  P     OP2    sing N N 39  
DI  P     "O5'"  sing N N 40  
DI  OP2   HOP2   sing N N 41  
DI  "O5'" "C5'"  sing N N 42  
DI  "C5'" "C4'"  sing N N 43  
DI  "C5'" "H5'"  sing N N 44  
DI  "C5'" "H5''" sing N N 45  
DI  "C4'" "O4'"  sing N N 46  
DI  "C4'" "C3'"  sing N N 47  
DI  "C4'" "H4'"  sing N N 48  
DI  "O4'" "C1'"  sing N N 49  
DI  "C3'" "O3'"  sing N N 50  
DI  "C3'" "C2'"  sing N N 51  
DI  "C3'" "H3'"  sing N N 52  
DI  "O3'" "HO3'" sing N N 53  
DI  "C2'" "C1'"  sing N N 54  
DI  "C2'" "H2'"  sing N N 55  
DI  "C2'" "H2''" sing N N 56  
DI  "C1'" N9     sing N N 57  
DI  "C1'" "H1'"  sing N N 58  
DI  N9    C8     sing Y N 59  
DI  N9    C4     sing Y N 60  
DI  C8    N7     doub Y N 61  
DI  C8    H8     sing N N 62  
DI  N7    C5     sing Y N 63  
DI  C5    C6     sing N N 64  
DI  C5    C4     doub Y N 65  
DI  C6    O6     doub N N 66  
DI  C6    N1     sing N N 67  
DI  N1    C2     sing N N 68  
DI  N1    H1     sing N N 69  
DI  C2    N3     doub N N 70  
DI  C2    H2     sing N N 71  
DI  N3    C4     sing N N 72  
HOH O     H1     sing N N 73  
HOH O     H2     sing N N 74  
NT  C1    N1     doub N N 75  
NT  C1    N2     sing N N 76  
NT  C1    N3     sing N N 77  
NT  N1    HN1    sing N N 78  
NT  N2    HN21   sing N N 79  
NT  N2    HN22   sing N N 80  
NT  N3    C2     sing N N 81  
NT  N3    HN3    sing N N 82  
NT  C2    C3     sing N N 83  
NT  C2    H21    sing N N 84  
NT  C2    H22    sing N N 85  
NT  C3    O1     doub N N 86  
NT  C3    N4     sing N N 87  
NT  N4    C4     sing N N 88  
NT  N4    HN4    sing N N 89  
NT  C4    C5     sing Y N 90  
NT  C4    C7     doub Y N 91  
NT  C5    C6     doub Y N 92  
NT  C5    H5     sing N N 93  
NT  C6    N5     sing Y N 94  
NT  C6    C9     sing N N 95  
NT  N5    C8     sing N N 96  
NT  N5    C7     sing Y N 97  
NT  C8    H81    sing N N 98  
NT  C8    H82    sing N N 99  
NT  C8    H83    sing N N 100 
NT  C7    H7     sing N N 101 
NT  C9    O2     doub N N 102 
NT  C9    N6     sing N N 103 
NT  N6    C10    sing N N 104 
NT  N6    HN6    sing N N 105 
NT  C10   C11    sing Y N 106 
NT  C10   C13    doub Y N 107 
NT  C11   C12    doub Y N 108 
NT  C11   H11    sing N N 109 
NT  C12   N7     sing Y N 110 
NT  C12   C15    sing N N 111 
NT  N7    C14    sing N N 112 
NT  N7    C13    sing Y N 113 
NT  C14   H141   sing N N 114 
NT  C14   H142   sing N N 115 
NT  C14   H143   sing N N 116 
NT  C13   H13    sing N N 117 
NT  C15   O3     doub N N 118 
NT  C15   N8     sing N N 119 
NT  N8    C16    sing N N 120 
NT  N8    HN8    sing N N 121 
NT  C16   C17    sing N N 122 
NT  C16   H161   sing N N 123 
NT  C16   H162   sing N N 124 
NT  C17   C18    sing N N 125 
NT  C17   H171   sing N N 126 
NT  C17   H172   sing N N 127 
NT  C18   N9     doub N N 128 
NT  C18   N10    sing N N 129 
NT  N9    HN9    sing N N 130 
NT  N10   HN01   sing N N 131 
NT  N10   HN02   sing N N 132 
# 
_atom_sites.entry_id                    1DVL 
_atom_sites.fract_transf_matrix[1][1]   -0.00716592 
_atom_sites.fract_transf_matrix[1][2]   -0.00770127 
_atom_sites.fract_transf_matrix[1][3]   -0.01343592 
_atom_sites.fract_transf_matrix[2][1]   0.01907744 
_atom_sites.fract_transf_matrix[2][2]   -0.03479441 
_atom_sites.fract_transf_matrix[2][3]   0.00976885 
_atom_sites.fract_transf_matrix[3][1]   -0.02566435 
_atom_sites.fract_transf_matrix[3][2]   -0.01190431 
_atom_sites.fract_transf_matrix[3][3]   0.00771910 
_atom_sites.fract_transf_vector[1]      0.498552 
_atom_sites.fract_transf_vector[2]      -0.007409 
_atom_sites.fract_transf_vector[3]      0.262978 
# 
loop_
_atom_type.symbol 
C 
N 
O 
P 
# 
loop_
_atom_site.group_PDB 
_atom_site.id 
_atom_site.type_symbol 
_atom_site.label_atom_id 
_atom_site.label_alt_id 
_atom_site.label_comp_id 
_atom_site.label_asym_id 
_atom_site.label_entity_id 
_atom_site.label_seq_id 
_atom_site.pdbx_PDB_ins_code 
_atom_site.Cartn_x 
_atom_site.Cartn_y 
_atom_site.Cartn_z 
_atom_site.occupancy 
_atom_site.B_iso_or_equiv 
_atom_site.pdbx_formal_charge 
_atom_site.auth_seq_id 
_atom_site.auth_comp_id 
_atom_site.auth_asym_id 
_atom_site.auth_atom_id 
_atom_site.pdbx_PDB_model_num 
ATOM   1   O "O5'" . DC  A 1 1  ? 4.287   5.504   -16.481 1.00 44.26 ? 1   DC  A "O5'" 1 
ATOM   2   C "C5'" . DC  A 1 1  ? 3.297   4.467   -16.584 1.00 35.03 ? 1   DC  A "C5'" 1 
ATOM   3   C "C4'" . DC  A 1 1  ? 1.938   5.118   -16.551 1.00 30.73 ? 1   DC  A "C4'" 1 
ATOM   4   O "O4'" . DC  A 1 1  ? 0.933   4.109   -16.783 1.00 30.64 ? 1   DC  A "O4'" 1 
ATOM   5   C "C3'" . DC  A 1 1  ? 1.611   5.742   -15.199 1.00 35.75 ? 1   DC  A "C3'" 1 
ATOM   6   O "O3'" . DC  A 1 1  ? 0.955   7.002   -15.339 1.00 42.06 ? 1   DC  A "O3'" 1 
ATOM   7   C "C2'" . DC  A 1 1  ? 0.685   4.732   -14.552 1.00 32.75 ? 1   DC  A "C2'" 1 
ATOM   8   C "C1'" . DC  A 1 1  ? -0.002  4.070   -15.732 1.00 22.22 ? 1   DC  A "C1'" 1 
ATOM   9   N N1    . DC  A 1 1  ? -0.306  2.671   -15.475 1.00 10.17 ? 1   DC  A N1    1 
ATOM   10  C C2    . DC  A 1 1  ? -1.583  2.359   -15.069 1.00 17.23 ? 1   DC  A C2    1 
ATOM   11  O O2    . DC  A 1 1  ? -2.414  3.271   -14.990 1.00 19.07 ? 1   DC  A O2    1 
ATOM   12  N N3    . DC  A 1 1  ? -1.899  1.076   -14.780 1.00 13.57 ? 1   DC  A N3    1 
ATOM   13  C C4    . DC  A 1 1  ? -0.964  0.119   -14.928 1.00 17.81 ? 1   DC  A C4    1 
ATOM   14  N N4    . DC  A 1 1  ? -1.339  -1.151  -14.697 1.00 22.94 ? 1   DC  A N4    1 
ATOM   15  C C5    . DC  A 1 1  ? 0.365   0.421   -15.343 1.00 6.38  ? 1   DC  A C5    1 
ATOM   16  C C6    . DC  A 1 1  ? 0.644   1.701   -15.613 1.00 12.00 ? 1   DC  A C6    1 
ATOM   17  P P     . DC  A 1 2  ? 1.059   8.075   -14.152 1.00 46.92 ? 2   DC  A P     1 
ATOM   18  O OP1   . DC  A 1 2  ? 1.390   9.404   -14.733 1.00 45.54 ? 2   DC  A OP1   1 
ATOM   19  O OP2   . DC  A 1 2  ? 2.006   7.452   -13.167 1.00 46.91 ? 2   DC  A OP2   1 
ATOM   20  O "O5'" . DC  A 1 2  ? -0.426  8.072   -13.565 1.00 42.98 ? 2   DC  A "O5'" 1 
ATOM   21  C "C5'" . DC  A 1 2  ? -1.199  6.855   -13.568 1.00 40.16 ? 2   DC  A "C5'" 1 
ATOM   22  C "C4'" . DC  A 1 2  ? -1.978  6.706   -12.281 1.00 36.55 ? 2   DC  A "C4'" 1 
ATOM   23  O "O4'" . DC  A 1 2  ? -2.317  5.296   -12.078 1.00 36.19 ? 2   DC  A "O4'" 1 
ATOM   24  C "C3'" . DC  A 1 2  ? -1.180  7.105   -11.042 1.00 35.58 ? 2   DC  A "C3'" 1 
ATOM   25  O "O3'" . DC  A 1 2  ? -2.123  7.512   -10.023 1.00 39.23 ? 2   DC  A "O3'" 1 
ATOM   26  C "C2'" . DC  A 1 2  ? -0.513  5.791   -10.655 1.00 27.96 ? 2   DC  A "C2'" 1 
ATOM   27  C "C1'" . DC  A 1 2  ? -1.639  4.798   -10.921 1.00 26.24 ? 2   DC  A "C1'" 1 
ATOM   28  N N1    . DC  A 1 2  ? -1.219  3.400   -11.176 1.00 17.54 ? 2   DC  A N1    1 
ATOM   29  C C2    . DC  A 1 2  ? -2.169  2.399   -11.083 1.00 11.09 ? 2   DC  A C2    1 
ATOM   30  O O2    . DC  A 1 2  ? -3.354  2.727   -10.884 1.00 16.45 ? 2   DC  A O2    1 
ATOM   31  N N3    . DC  A 1 2  ? -1.791  1.106   -11.222 1.00 7.02  ? 2   DC  A N3    1 
ATOM   32  C C4    . DC  A 1 2  ? -0.511  0.814   -11.488 1.00 3.02  ? 2   DC  A C4    1 
ATOM   33  N N4    . DC  A 1 2  ? -0.145  -0.487  -11.642 1.00 3.86  ? 2   DC  A N4    1 
ATOM   34  C C5    . DC  A 1 2  ? 0.471   1.821   -11.615 1.00 3.62  ? 2   DC  A C5    1 
ATOM   35  C C6    . DC  A 1 2  ? 0.082   3.092   -11.459 1.00 12.80 ? 2   DC  A C6    1 
ATOM   36  P P     . DI  A 1 3  ? -2.031  8.962   -9.333  1.00 36.02 ? 3   DI  A P     1 
ATOM   37  O OP1   . DI  A 1 3  ? -1.808  10.087  -10.271 1.00 41.71 ? 3   DI  A OP1   1 
ATOM   38  O OP2   . DI  A 1 3  ? -1.194  8.833   -8.122  1.00 36.54 ? 3   DI  A OP2   1 
ATOM   39  O "O5'" . DI  A 1 3  ? -3.511  9.153   -8.851  1.00 38.17 ? 3   DI  A "O5'" 1 
ATOM   40  C "C5'" . DI  A 1 3  ? -3.811  8.933   -7.513  1.00 39.78 ? 3   DI  A "C5'" 1 
ATOM   41  C "C4'" . DI  A 1 3  ? -4.829  7.832   -7.391  1.00 35.81 ? 3   DI  A "C4'" 1 
ATOM   42  O "O4'" . DI  A 1 3  ? -4.316  6.573   -7.887  1.00 31.11 ? 3   DI  A "O4'" 1 
ATOM   43  C "C3'" . DI  A 1 3  ? -5.152  7.604   -5.926  1.00 36.36 ? 3   DI  A "C3'" 1 
ATOM   44  O "O3'" . DI  A 1 3  ? -6.540  7.393   -5.775  1.00 40.91 ? 3   DI  A "O3'" 1 
ATOM   45  C "C2'" . DI  A 1 3  ? -4.392  6.336   -5.572  1.00 32.44 ? 3   DI  A "C2'" 1 
ATOM   46  C "C1'" . DI  A 1 3  ? -4.387  5.563   -6.891  1.00 21.86 ? 3   DI  A "C1'" 1 
ATOM   47  N N9    . DI  A 1 3  ? -3.258  4.670   -7.103  1.00 8.04  ? 3   DI  A N9    1 
ATOM   48  C C8    . DI  A 1 3  ? -1.956  5.073   -7.247  1.00 11.96 ? 3   DI  A C8    1 
ATOM   49  N N7    . DI  A 1 3  ? -1.135  4.091   -7.487  1.00 17.16 ? 3   DI  A N7    1 
ATOM   50  C C5    . DI  A 1 3  ? -1.939  2.946   -7.496  1.00 7.03  ? 3   DI  A C5    1 
ATOM   51  C C6    . DI  A 1 3  ? -1.576  1.580   -7.707  1.00 10.01 ? 3   DI  A C6    1 
ATOM   52  O O6    . DI  A 1 3  ? -0.436  1.092   -7.889  1.00 8.81  ? 3   DI  A O6    1 
ATOM   53  N N1    . DI  A 1 3  ? -2.694  0.739   -7.655  1.00 11.34 ? 3   DI  A N1    1 
ATOM   54  C C2    . DI  A 1 3  ? -3.989  1.165   -7.405  1.00 6.02  ? 3   DI  A C2    1 
ATOM   55  N N3    . DI  A 1 3  ? -4.335  2.444   -7.181  1.00 11.14 ? 3   DI  A N3    1 
ATOM   56  C C4    . DI  A 1 3  ? -3.252  3.280   -7.243  1.00 9.96  ? 3   DI  A C4    1 
ATOM   57  P P     . DI  A 1 4  ? -7.102  7.162   -4.326  1.00 35.84 ? 4   DI  A P     1 
ATOM   58  O OP1   . DI  A 1 4  ? -8.428  7.840   -4.263  1.00 42.68 ? 4   DI  A OP1   1 
ATOM   59  O OP2   . DI  A 1 4  ? -5.998  7.593   -3.442  1.00 36.47 ? 4   DI  A OP2   1 
ATOM   60  O "O5'" . DI  A 1 4  ? -7.195  5.581   -4.205  1.00 38.87 ? 4   DI  A "O5'" 1 
ATOM   61  C "C5'" . DI  A 1 4  ? -8.216  4.841   -4.880  1.00 30.44 ? 4   DI  A "C5'" 1 
ATOM   62  C "C4'" . DI  A 1 4  ? -8.223  3.417   -4.362  1.00 27.67 ? 4   DI  A "C4'" 1 
ATOM   63  O "O4'" . DI  A 1 4  ? -6.916  2.842   -4.591  1.00 28.39 ? 4   DI  A "O4'" 1 
ATOM   64  C "C3'" . DI  A 1 4  ? -8.476  3.230   -2.863  1.00 27.43 ? 4   DI  A "C3'" 1 
ATOM   65  O "O3'" . DI  A 1 4  ? -9.376  2.145   -2.718  1.00 34.62 ? 4   DI  A "O3'" 1 
ATOM   66  C "C2'" . DI  A 1 4  ? -7.113  2.857   -2.278  1.00 25.05 ? 4   DI  A "C2'" 1 
ATOM   67  C "C1'" . DI  A 1 4  ? -6.400  2.192   -3.442  1.00 20.73 ? 4   DI  A "C1'" 1 
ATOM   68  N N9    . DI  A 1 4  ? -4.938  2.284   -3.548  1.00 13.58 ? 4   DI  A N9    1 
ATOM   69  C C8    . DI  A 1 4  ? -4.189  3.446   -3.524  1.00 11.95 ? 4   DI  A C8    1 
ATOM   70  N N7    . DI  A 1 4  ? -2.906  3.237   -3.743  1.00 12.89 ? 4   DI  A N7    1 
ATOM   71  C C5    . DI  A 1 4  ? -2.784  1.850   -3.912  1.00 7.94  ? 4   DI  A C5    1 
ATOM   72  C C6    . DI  A 1 4  ? -1.609  1.017   -4.175  1.00 7.87  ? 4   DI  A C6    1 
ATOM   73  O O6    . DI  A 1 4  ? -0.446  1.363   -4.337  1.00 19.16 ? 4   DI  A O6    1 
ATOM   74  N N1    . DI  A 1 4  ? -1.915  -0.334  -4.244  1.00 2.00  ? 4   DI  A N1    1 
ATOM   75  C C2    . DI  A 1 4  ? -3.187  -0.841  -4.097  1.00 7.56  ? 4   DI  A C2    1 
ATOM   76  N N3    . DI  A 1 4  ? -4.285  -0.100  -3.860  1.00 13.39 ? 4   DI  A N3    1 
ATOM   77  C C4    . DI  A 1 4  ? -4.012  1.231   -3.777  1.00 11.20 ? 4   DI  A C4    1 
ATOM   78  P P     . DC  A 1 5  ? -10.072 1.885   -1.325  1.00 32.30 ? 5   DC  A P     1 
ATOM   79  O OP1   . DC  A 1 5  ? -11.395 1.243   -1.543  1.00 35.15 ? 5   DC  A OP1   1 
ATOM   80  O OP2   . DC  A 1 5  ? -9.985  3.166   -0.582  1.00 33.55 ? 5   DC  A OP2   1 
ATOM   81  O "O5'" . DC  A 1 5  ? -9.111  0.790   -0.731  1.00 31.12 ? 5   DC  A "O5'" 1 
ATOM   82  C "C5'" . DC  A 1 5  ? -7.900  0.492   -1.384  1.00 27.11 ? 5   DC  A "C5'" 1 
ATOM   83  C "C4'" . DC  A 1 5  ? -7.549  -0.961  -1.142  1.00 23.80 ? 5   DC  A "C4'" 1 
ATOM   84  O "O4'" . DC  A 1 5  ? -6.164  -1.024  -1.516  1.00 25.79 ? 5   DC  A "O4'" 1 
ATOM   85  C "C3'" . DC  A 1 5  ? -7.609  -1.411  0.318   1.00 22.63 ? 5   DC  A "C3'" 1 
ATOM   86  O "O3'" . DC  A 1 5  ? -7.924  -2.785  0.422   1.00 27.38 ? 5   DC  A "O3'" 1 
ATOM   87  C "C2'" . DC  A 1 5  ? -6.196  -1.176  0.807   1.00 22.44 ? 5   DC  A "C2'" 1 
ATOM   88  C "C1'" . DC  A 1 5  ? -5.343  -1.375  -0.427  1.00 15.71 ? 5   DC  A "C1'" 1 
ATOM   89  N N1    . DC  A 1 5  ? -4.234  -0.439  -0.448  1.00 9.07  ? 5   DC  A N1    1 
ATOM   90  C C2    . DC  A 1 5  ? -2.971  -0.873  -0.796  1.00 12.94 ? 5   DC  A C2    1 
ATOM   91  O O2    . DC  A 1 5  ? -2.790  -2.061  -0.992  1.00 16.84 ? 5   DC  A O2    1 
ATOM   92  N N3    . DC  A 1 5  ? -1.958  0.027   -0.875  1.00 10.81 ? 5   DC  A N3    1 
ATOM   93  C C4    . DC  A 1 5  ? -2.186  1.311   -0.547  1.00 15.16 ? 5   DC  A C4    1 
ATOM   94  N N4    . DC  A 1 5  ? -1.155  2.173   -0.550  1.00 16.94 ? 5   DC  A N4    1 
ATOM   95  C C5    . DC  A 1 5  ? -3.475  1.764   -0.173  1.00 16.66 ? 5   DC  A C5    1 
ATOM   96  C C6    . DC  A 1 5  ? -4.469  0.865   -0.152  1.00 17.27 ? 5   DC  A C6    1 
ATOM   97  P P     . DI  A 1 6  ? -8.280  -3.432  1.855   1.00 29.70 ? 6   DI  A P     1 
ATOM   98  O OP1   . DI  A 1 6  ? -9.287  -4.498  1.702   1.00 33.19 ? 6   DI  A OP1   1 
ATOM   99  O OP2   . DI  A 1 6  ? -8.490  -2.382  2.906   1.00 34.80 ? 6   DI  A OP2   1 
ATOM   100 O "O5'" . DI  A 1 6  ? -6.967  -4.250  2.135   1.00 25.29 ? 6   DI  A "O5'" 1 
ATOM   101 C "C5'" . DI  A 1 6  ? -6.460  -5.052  1.097   1.00 27.44 ? 6   DI  A "C5'" 1 
ATOM   102 C "C4'" . DI  A 1 6  ? -5.194  -5.725  1.541   1.00 25.56 ? 6   DI  A "C4'" 1 
ATOM   103 O "O4'" . DI  A 1 6  ? -4.051  -4.847  1.496   1.00 23.67 ? 6   DI  A "O4'" 1 
ATOM   104 C "C3'" . DI  A 1 6  ? -5.266  -6.287  2.947   1.00 25.82 ? 6   DI  A "C3'" 1 
ATOM   105 O "O3'" . DI  A 1 6  ? -4.810  -7.634  2.808   1.00 24.61 ? 6   DI  A "O3'" 1 
ATOM   106 C "C2'" . DI  A 1 6  ? -4.454  -5.289  3.779   1.00 17.99 ? 6   DI  A "C2'" 1 
ATOM   107 C "C1'" . DI  A 1 6  ? -3.474  -4.670  2.775   1.00 18.10 ? 6   DI  A "C1'" 1 
ATOM   108 N N9    . DI  A 1 6  ? -3.102  -3.254  2.868   1.00 14.05 ? 6   DI  A N9    1 
ATOM   109 C C8    . DI  A 1 6  ? -3.891  -2.186  3.247   1.00 11.06 ? 6   DI  A C8    1 
ATOM   110 N N7    . DI  A 1 6  ? -3.273  -1.027  3.146   1.00 7.46  ? 6   DI  A N7    1 
ATOM   111 C C5    . DI  A 1 6  ? -1.987  -1.353  2.690   1.00 7.26  ? 6   DI  A C5    1 
ATOM   112 C C6    . DI  A 1 6  ? -0.855  -0.513  2.350   1.00 5.34  ? 6   DI  A C6    1 
ATOM   113 O O6    . DI  A 1 6  ? -0.764  0.734   2.342   1.00 7.96  ? 6   DI  A O6    1 
ATOM   114 N N1    . DI  A 1 6  ? 0.235   -1.264  1.944   1.00 2.00  ? 6   DI  A N1    1 
ATOM   115 C C2    . DI  A 1 6  ? 0.241   -2.624  1.826   1.00 9.85  ? 6   DI  A C2    1 
ATOM   116 N N3    . DI  A 1 6  ? -0.797  -3.411  2.095   1.00 9.07  ? 6   DI  A N3    1 
ATOM   117 C C4    . DI  A 1 6  ? -1.864  -2.718  2.525   1.00 7.16  ? 6   DI  A C4    1 
ATOM   118 P P     . DC  A 1 7  ? -4.458  -8.469  4.083   1.00 39.13 ? 7   DC  A P     1 
ATOM   119 O OP1   . DC  A 1 7  ? -3.769  -9.715  3.599   1.00 27.83 ? 7   DC  A OP1   1 
ATOM   120 O OP2   . DC  A 1 7  ? -5.754  -8.574  4.840   1.00 27.20 ? 7   DC  A OP2   1 
ATOM   121 O "O5'" . DC  A 1 7  ? -3.401  -7.453  4.753   1.00 40.20 ? 7   DC  A "O5'" 1 
ATOM   122 C "C5'" . DC  A 1 7  ? -2.432  -7.864  5.753   1.00 56.82 ? 7   DC  A "C5'" 1 
ATOM   123 C "C4'" . DC  A 1 7  ? -1.062  -7.287  5.451   1.00 30.96 ? 7   DC  A "C4'" 1 
ATOM   124 O "O4'" . DC  A 1 7  ? -1.087  -5.896  5.026   1.00 24.01 ? 7   DC  A "O4'" 1 
ATOM   125 C "C3'" . DC  A 1 7  ? -0.033  -7.365  6.580   1.00 27.92 ? 7   DC  A "C3'" 1 
ATOM   126 O "O3'" . DC  A 1 7  ? 1.197   -7.932  6.113   1.00 30.91 ? 7   DC  A "O3'" 1 
ATOM   127 C "C2'" . DC  A 1 7  ? 0.233   -5.917  6.926   1.00 20.58 ? 7   DC  A "C2'" 1 
ATOM   128 C "C1'" . DC  A 1 7  ? 0.024   -5.230  5.589   1.00 14.31 ? 7   DC  A "C1'" 1 
ATOM   129 N N1    . DC  A 1 7  ? -0.314  -3.799  5.726   1.00 13.12 ? 7   DC  A N1    1 
ATOM   130 C C2    . DC  A 1 7  ? 0.625   -2.878  5.347   1.00 11.34 ? 7   DC  A C2    1 
ATOM   131 O O2    . DC  A 1 7  ? 1.671   -3.300  4.837   1.00 21.48 ? 7   DC  A O2    1 
ATOM   132 N N3    . DC  A 1 7  ? 0.377   -1.553  5.515   1.00 2.94  ? 7   DC  A N3    1 
ATOM   133 C C4    . DC  A 1 7  ? -0.798  -1.164  5.991   1.00 3.58  ? 7   DC  A C4    1 
ATOM   134 N N4    . DC  A 1 7  ? -1.039  0.134   6.083   1.00 12.41 ? 7   DC  A N4    1 
ATOM   135 C C5    . DC  A 1 7  ? -1.793  -2.088  6.374   1.00 3.52  ? 7   DC  A C5    1 
ATOM   136 C C6    . DC  A 1 7  ? -1.518  -3.386  6.232   1.00 5.15  ? 7   DC  A C6    1 
ATOM   137 P P     . DC  A 1 8  ? 2.322   -8.375  7.176   1.00 41.46 ? 8   DC  A P     1 
ATOM   138 O OP1   . DC  A 1 8  ? 3.127   -9.525  6.656   1.00 35.97 ? 8   DC  A OP1   1 
ATOM   139 O OP2   . DC  A 1 8  ? 1.631   -8.495  8.507   1.00 35.41 ? 8   DC  A OP2   1 
ATOM   140 O "O5'" . DC  A 1 8  ? 3.303   -7.130  7.202   1.00 31.75 ? 8   DC  A "O5'" 1 
ATOM   141 C "C5'" . DC  A 1 8  ? 4.216   -6.953  6.122   1.00 34.40 ? 8   DC  A "C5'" 1 
ATOM   142 C "C4'" . DC  A 1 8  ? 5.315   -6.000  6.513   1.00 34.53 ? 8   DC  A "C4'" 1 
ATOM   143 O "O4'" . DC  A 1 8  ? 4.763   -4.670  6.617   1.00 30.96 ? 8   DC  A "O4'" 1 
ATOM   144 C "C3'" . DC  A 1 8  ? 5.911   -6.298  7.879   1.00 36.98 ? 8   DC  A "C3'" 1 
ATOM   145 O "O3'" . DC  A 1 8  ? 7.249   -5.801  7.873   1.00 40.67 ? 8   DC  A "O3'" 1 
ATOM   146 C "C2'" . DC  A 1 8  ? 5.022   -5.469  8.793   1.00 33.38 ? 8   DC  A "C2'" 1 
ATOM   147 C "C1'" . DC  A 1 8  ? 4.873   -4.223  7.948   1.00 26.23 ? 8   DC  A "C1'" 1 
ATOM   148 N N1    . DC  A 1 8  ? 3.733   -3.349  8.220   1.00 22.69 ? 8   DC  A N1    1 
ATOM   149 C C2    . DC  A 1 8  ? 3.891   -2.012  7.963   1.00 20.54 ? 8   DC  A C2    1 
ATOM   150 O O2    . DC  A 1 8  ? 4.991   -1.631  7.534   1.00 22.37 ? 8   DC  A O2    1 
ATOM   151 N N3    . DC  A 1 8  ? 2.870   -1.159  8.186   1.00 17.83 ? 8   DC  A N3    1 
ATOM   152 C C4    . DC  A 1 8  ? 1.717   -1.628  8.651   1.00 17.81 ? 8   DC  A C4    1 
ATOM   153 N N4    . DC  A 1 8  ? 0.706   -0.759  8.843   1.00 19.62 ? 8   DC  A N4    1 
ATOM   154 C C5    . DC  A 1 8  ? 1.531   -3.007  8.934   1.00 11.71 ? 8   DC  A C5    1 
ATOM   155 C C6    . DC  A 1 8  ? 2.555   -3.827  8.710   1.00 15.33 ? 8   DC  A C6    1 
ATOM   156 P P     . DI  A 1 9  ? 8.450   -6.664  8.520   1.00 44.69 ? 9   DI  A P     1 
ATOM   157 O OP1   . DI  A 1 9  ? 9.028   -7.541  7.446   1.00 41.39 ? 9   DI  A OP1   1 
ATOM   158 O OP2   . DI  A 1 9  ? 8.009   -7.280  9.817   1.00 40.42 ? 9   DI  A OP2   1 
ATOM   159 O "O5'" . DI  A 1 9  ? 9.513   -5.507  8.737   1.00 33.85 ? 9   DI  A "O5'" 1 
ATOM   160 C "C5'" . DI  A 1 9  ? 9.748   -4.588  7.674   1.00 31.32 ? 9   DI  A "C5'" 1 
ATOM   161 C "C4'" . DI  A 1 9  ? 9.941   -3.196  8.223   1.00 31.18 ? 9   DI  A "C4'" 1 
ATOM   162 O "O4'" . DI  A 1 9  ? 8.704   -2.606  8.684   1.00 34.23 ? 9   DI  A "O4'" 1 
ATOM   163 C "C3'" . DI  A 1 9  ? 10.931  -3.122  9.379   1.00 33.79 ? 9   DI  A "C3'" 1 
ATOM   164 O "O3'" . DI  A 1 9  ? 11.689  -1.955  9.116   1.00 36.44 ? 9   DI  A "O3'" 1 
ATOM   165 C "C2'" . DI  A 1 9  ? 10.048  -2.930  10.597  1.00 33.21 ? 9   DI  A "C2'" 1 
ATOM   166 C "C1'" . DI  A 1 9  ? 8.857   -2.119  10.041  1.00 29.91 ? 9   DI  A "C1'" 1 
ATOM   167 N N9    . DI  A 1 9  ? 7.547   -2.247  10.689  1.00 18.58 ? 9   DI  A N9    1 
ATOM   168 C C8    . DI  A 1 9  ? 7.026   -3.387  11.254  1.00 19.27 ? 9   DI  A C8    1 
ATOM   169 N N7    . DI  A 1 9  ? 5.810   -3.210  11.688  1.00 21.08 ? 9   DI  A N7    1 
ATOM   170 C C5    . DI  A 1 9  ? 5.503   -1.882  11.452  1.00 12.81 ? 9   DI  A C5    1 
ATOM   171 C C6    . DI  A 1 9  ? 4.310   -1.145  11.711  1.00 13.79 ? 9   DI  A C6    1 
ATOM   172 O O6    . DI  A 1 9  ? 3.251   -1.546  12.161  1.00 18.48 ? 9   DI  A O6    1 
ATOM   173 N N1    . DI  A 1 9  ? 4.419   0.167   11.342  1.00 16.99 ? 9   DI  A N1    1 
ATOM   174 C C2    . DI  A 1 9  ? 5.516   0.686   10.689  1.00 20.53 ? 9   DI  A C2    1 
ATOM   175 N N3    . DI  A 1 9  ? 6.623   -0.010  10.390  1.00 19.17 ? 9   DI  A N3    1 
ATOM   176 C C4    . DI  A 1 9  ? 6.557   -1.263  10.829  1.00 10.82 ? 9   DI  A C4    1 
ATOM   177 P P     . DI  A 1 10 ? 13.008  -1.663  9.942   1.00 32.84 ? 10  DI  A P     1 
ATOM   178 O OP1   . DI  A 1 10 ? 14.176  -1.541  9.013   1.00 32.67 ? 10  DI  A OP1   1 
ATOM   179 O OP2   . DI  A 1 10 ? 12.987  -2.736  10.955  1.00 33.77 ? 10  DI  A OP2   1 
ATOM   180 O "O5'" . DI  A 1 10 ? 12.631  -0.256  10.587  1.00 35.80 ? 10  DI  A "O5'" 1 
ATOM   181 C "C5'" . DI  A 1 10 ? 12.060  0.814   9.778   1.00 29.57 ? 10  DI  A "C5'" 1 
ATOM   182 C "C4'" . DI  A 1 10 ? 11.670  1.979   10.656  1.00 28.10 ? 10  DI  A "C4'" 1 
ATOM   183 O "O4'" . DI  A 1 10 ? 10.354  1.763   11.209  1.00 29.67 ? 10  DI  A "O4'" 1 
ATOM   184 C "C3'" . DI  A 1 10 ? 12.599  2.148   11.855  1.00 25.74 ? 10  DI  A "C3'" 1 
ATOM   185 O "O3'" . DI  A 1 10 ? 12.446  3.508   12.191  1.00 26.39 ? 10  DI  A "O3'" 1 
ATOM   186 C "C2'" . DI  A 1 10 ? 11.880  1.357   12.928  1.00 19.95 ? 10  DI  A "C2'" 1 
ATOM   187 C "C1'" . DI  A 1 10 ? 10.444  1.724   12.625  1.00 18.70 ? 10  DI  A "C1'" 1 
ATOM   188 N N9    . DI  A 1 10 ? 9.471   0.763   13.114  1.00 11.67 ? 10  DI  A N9    1 
ATOM   189 C C8    . DI  A 1 10 ? 9.651   -0.590  13.260  1.00 14.53 ? 10  DI  A C8    1 
ATOM   190 N N7    . DI  A 1 10 ? 8.607   -1.190  13.766  1.00 17.83 ? 10  DI  A N7    1 
ATOM   191 C C5    . DI  A 1 10 ? 7.680   -0.165  13.952  1.00 11.89 ? 10  DI  A C5    1 
ATOM   192 C C6    . DI  A 1 10 ? 6.358   -0.202  14.467  1.00 13.08 ? 10  DI  A C6    1 
ATOM   193 O O6    . DI  A 1 10 ? 5.718   -1.177  14.854  1.00 23.88 ? 10  DI  A O6    1 
ATOM   194 N N1    . DI  A 1 10 ? 5.770   1.057   14.493  1.00 7.46  ? 10  DI  A N1    1 
ATOM   195 C C2    . DI  A 1 10 ? 6.372   2.199   14.058  1.00 11.69 ? 10  DI  A C2    1 
ATOM   196 N N3    . DI  A 1 10 ? 7.612   2.247   13.558  1.00 11.58 ? 10  DI  A N3    1 
ATOM   197 C C4    . DI  A 1 10 ? 8.197   1.039   13.543  1.00 9.75  ? 10  DI  A C4    1 
ATOM   198 O "O5'" . DC  B 1 1  ? -2.100  2.852   15.489  1.00 42.34 ? 11  DC  B "O5'" 1 
ATOM   199 C "C5'" . DC  B 1 1  ? -2.395  4.058   16.238  1.00 41.56 ? 11  DC  B "C5'" 1 
ATOM   200 C "C4'" . DC  B 1 1  ? -1.170  4.925   16.452  1.00 41.00 ? 11  DC  B "C4'" 1 
ATOM   201 O "O4'" . DC  B 1 1  ? -0.065  4.103   16.909  1.00 40.39 ? 11  DC  B "O4'" 1 
ATOM   202 C "C3'" . DC  B 1 1  ? -0.676  5.610   15.182  1.00 38.06 ? 11  DC  B "C3'" 1 
ATOM   203 O "O3'" . DC  B 1 1  ? -0.155  6.913   15.418  1.00 38.15 ? 11  DC  B "O3'" 1 
ATOM   204 C "C2'" . DC  B 1 1  ? 0.417   4.693   14.682  1.00 38.54 ? 11  DC  B "C2'" 1 
ATOM   205 C "C1'" . DC  B 1 1  ? 0.986   4.068   15.947  1.00 34.25 ? 11  DC  B "C1'" 1 
ATOM   206 N N1    . DC  B 1 1  ? 1.387   2.654   15.757  1.00 22.93 ? 11  DC  B N1    1 
ATOM   207 C C2    . DC  B 1 1  ? 2.723   2.365   15.428  1.00 22.67 ? 11  DC  B C2    1 
ATOM   208 O O2    . DC  B 1 1  ? 3.540   3.313   15.257  1.00 24.75 ? 11  DC  B O2    1 
ATOM   209 N N3    . DC  B 1 1  ? 3.093   1.070   15.283  1.00 19.41 ? 11  DC  B N3    1 
ATOM   210 C C4    . DC  B 1 1  ? 2.185   0.092   15.424  1.00 16.40 ? 11  DC  B C4    1 
ATOM   211 N N4    . DC  B 1 1  ? 2.602   -1.164  15.249  1.00 15.91 ? 11  DC  B N4    1 
ATOM   212 C C5    . DC  B 1 1  ? 0.832   0.361   15.738  1.00 14.69 ? 11  DC  B C5    1 
ATOM   213 C C6    . DC  B 1 1  ? 0.476   1.640   15.902  1.00 19.92 ? 11  DC  B C6    1 
ATOM   214 P P     . DC  B 1 2  ? -0.519  8.097   14.375  1.00 50.92 ? 12  DC  B P     1 
ATOM   215 O OP1   . DC  B 1 2  ? -0.863  9.335   15.156  1.00 49.64 ? 12  DC  B OP1   1 
ATOM   216 O OP2   . DC  B 1 2  ? -1.507  7.555   13.369  1.00 44.59 ? 12  DC  B OP2   1 
ATOM   217 O "O5'" . DC  B 1 2  ? 0.854   8.368   13.601  1.00 44.49 ? 12  DC  B "O5'" 1 
ATOM   218 C "C5'" . DC  B 1 2  ? 2.019   7.597   13.913  1.00 39.61 ? 12  DC  B "C5'" 1 
ATOM   219 C "C4'" . DC  B 1 2  ? 2.811   7.344   12.658  1.00 34.48 ? 12  DC  B "C4'" 1 
ATOM   220 O "O4'" . DC  B 1 2  ? 3.121   5.938   12.549  1.00 29.00 ? 12  DC  B "O4'" 1 
ATOM   221 C "C3'" . DC  B 1 2  ? 2.031   7.699   11.400  1.00 34.14 ? 12  DC  B "C3'" 1 
ATOM   222 O "O3'" . DC  B 1 2  ? 2.999   8.040   10.393  1.00 37.87 ? 12  DC  B "O3'" 1 
ATOM   223 C "C2'" . DC  B 1 2  ? 1.339   6.385   11.084  1.00 28.48 ? 12  DC  B "C2'" 1 
ATOM   224 C "C1'" . DC  B 1 2  ? 2.473   5.420   11.399  1.00 28.17 ? 12  DC  B "C1'" 1 
ATOM   225 N N1    . DC  B 1 2  ? 2.087   4.025   11.665  1.00 22.25 ? 12  DC  B N1    1 
ATOM   226 C C2    . DC  B 1 2  ? 3.078   3.047   11.658  1.00 19.30 ? 12  DC  B C2    1 
ATOM   227 O O2    . DC  B 1 2  ? 4.251   3.398   11.481  1.00 24.24 ? 12  DC  B O2    1 
ATOM   228 N N3    . DC  B 1 2  ? 2.739   1.746   11.849  1.00 15.47 ? 12  DC  B N3    1 
ATOM   229 C C4    . DC  B 1 2  ? 1.463   1.431   12.058  1.00 11.95 ? 12  DC  B C4    1 
ATOM   230 N N4    . DC  B 1 2  ? 1.159   0.163   12.266  1.00 15.58 ? 12  DC  B N4    1 
ATOM   231 C C5    . DC  B 1 2  ? 0.433   2.414   12.080  1.00 11.80 ? 12  DC  B C5    1 
ATOM   232 C C6    . DC  B 1 2  ? 0.784   3.687   11.887  1.00 14.53 ? 12  DC  B C6    1 
ATOM   233 P P     . DI  B 1 3  ? 2.958   9.486   9.663   1.00 42.05 ? 13  DI  B P     1 
ATOM   234 O OP1   . DI  B 1 3  ? 2.654   10.577  10.631  1.00 44.75 ? 13  DI  B OP1   1 
ATOM   235 O OP2   . DI  B 1 3  ? 2.092   9.323   8.454   1.00 36.48 ? 13  DI  B OP2   1 
ATOM   236 O "O5'" . DI  B 1 3  ? 4.472   9.672   9.224   1.00 37.24 ? 13  DI  B "O5'" 1 
ATOM   237 C "C5'" . DI  B 1 3  ? 4.852   9.435   7.876   1.00 35.65 ? 13  DI  B "C5'" 1 
ATOM   238 C "C4'" . DI  B 1 3  ? 5.869   8.325   7.789   1.00 31.32 ? 13  DI  B "C4'" 1 
ATOM   239 O "O4'" . DI  B 1 3  ? 5.355   7.069   8.296   1.00 30.65 ? 13  DI  B "O4'" 1 
ATOM   240 C "C3'" . DI  B 1 3  ? 6.160   8.064   6.325   1.00 37.28 ? 13  DI  B "C3'" 1 
ATOM   241 O "O3'" . DI  B 1 3  ? 7.554   7.838   6.116   1.00 38.04 ? 13  DI  B "O3'" 1 
ATOM   242 C "C2'" . DI  B 1 3  ? 5.255   6.888   5.974   1.00 32.17 ? 13  DI  B "C2'" 1 
ATOM   243 C "C1'" . DI  B 1 3  ? 5.235   6.097   7.260   1.00 25.91 ? 13  DI  B "C1'" 1 
ATOM   244 N N9    . DI  B 1 3  ? 4.051   5.270   7.533   1.00 22.01 ? 13  DI  B N9    1 
ATOM   245 C C8    . DI  B 1 3  ? 2.745   5.696   7.715   1.00 20.69 ? 13  DI  B C8    1 
ATOM   246 N N7    . DI  B 1 3  ? 1.916   4.721   8.031   1.00 17.37 ? 13  DI  B N7    1 
ATOM   247 C C5    . DI  B 1 3  ? 2.709   3.576   8.029   1.00 12.65 ? 13  DI  B C5    1 
ATOM   248 C C6    . DI  B 1 3  ? 2.355   2.210   8.268   1.00 14.87 ? 13  DI  B C6    1 
ATOM   249 O O6    . DI  B 1 3  ? 1.239   1.722   8.550   1.00 21.53 ? 13  DI  B O6    1 
ATOM   250 N N1    . DI  B 1 3  ? 3.447   1.373   8.141   1.00 10.32 ? 13  DI  B N1    1 
ATOM   251 C C2    . DI  B 1 3  ? 4.731   1.790   7.844   1.00 13.98 ? 13  DI  B C2    1 
ATOM   252 N N3    . DI  B 1 3  ? 5.080   3.053   7.612   1.00 7.97  ? 13  DI  B N3    1 
ATOM   253 C C4    . DI  B 1 3  ? 4.023   3.881   7.714   1.00 14.28 ? 13  DI  B C4    1 
ATOM   254 P P     . DI  B 1 4  ? 8.140   7.941   4.637   1.00 30.51 ? 14  DI  B P     1 
ATOM   255 O OP1   . DI  B 1 4  ? 9.560   8.337   4.747   1.00 35.00 ? 14  DI  B OP1   1 
ATOM   256 O OP2   . DI  B 1 4  ? 7.204   8.753   3.833   1.00 32.52 ? 14  DI  B OP2   1 
ATOM   257 O "O5'" . DI  B 1 4  ? 8.074   6.426   4.199   1.00 32.36 ? 14  DI  B "O5'" 1 
ATOM   258 C "C5'" . DI  B 1 4  ? 8.770   5.455   4.973   1.00 31.82 ? 14  DI  B "C5'" 1 
ATOM   259 C "C4'" . DI  B 1 4  ? 8.534   4.082   4.403   1.00 30.65 ? 14  DI  B "C4'" 1 
ATOM   260 O "O4'" . DI  B 1 4  ? 7.246   3.543   4.790   1.00 29.13 ? 14  DI  B "O4'" 1 
ATOM   261 C "C3'" . DI  B 1 4  ? 8.561   4.045   2.879   1.00 30.13 ? 14  DI  B "C3'" 1 
ATOM   262 O "O3'" . DI  B 1 4  ? 9.202   2.841   2.518   1.00 34.79 ? 14  DI  B "O3'" 1 
ATOM   263 C "C2'" . DI  B 1 4  ? 7.097   3.944   2.511   1.00 26.58 ? 14  DI  B "C2'" 1 
ATOM   264 C "C1'" . DI  B 1 4  ? 6.602   3.058   3.639   1.00 22.45 ? 14  DI  B "C1'" 1 
ATOM   265 N N9    . DI  B 1 4  ? 5.182   3.181   3.863   1.00 17.56 ? 14  DI  B N9    1 
ATOM   266 C C8    . DI  B 1 4  ? 4.441   4.335   3.804   1.00 14.57 ? 14  DI  B C8    1 
ATOM   267 N N7    . DI  B 1 4  ? 3.176   4.139   4.066   1.00 15.07 ? 14  DI  B N7    1 
ATOM   268 C C5    . DI  B 1 4  ? 3.084   2.772   4.304   1.00 8.83  ? 14  DI  B C5    1 
ATOM   269 C C6    . DI  B 1 4  ? 1.975   2.004   4.638   1.00 11.84 ? 14  DI  B C6    1 
ATOM   270 O O6    . DI  B 1 4  ? 0.800   2.392   4.780   1.00 11.03 ? 14  DI  B O6    1 
ATOM   271 N N1    . DI  B 1 4  ? 2.313   0.653   4.799   1.00 9.99  ? 14  DI  B N1    1 
ATOM   272 C C2    . DI  B 1 4  ? 3.579   0.134   4.630   1.00 10.89 ? 14  DI  B C2    1 
ATOM   273 N N3    . DI  B 1 4  ? 4.637   0.865   4.308   1.00 9.19  ? 14  DI  B N3    1 
ATOM   274 C C4    . DI  B 1 4  ? 4.314   2.165   4.171   1.00 8.80  ? 14  DI  B C4    1 
ATOM   275 P P     . DC  B 1 5  ? 9.806   2.658   1.058   1.00 35.48 ? 15  DC  B P     1 
ATOM   276 O OP1   . DC  B 1 5  ? 11.286  2.622   1.209   1.00 31.47 ? 15  DC  B OP1   1 
ATOM   277 O OP2   . DC  B 1 5  ? 9.161   3.654   0.146   1.00 28.60 ? 15  DC  B OP2   1 
ATOM   278 O "O5'" . DC  B 1 5  ? 9.307   1.187   0.789   1.00 27.83 ? 15  DC  B "O5'" 1 
ATOM   279 C "C5'" . DC  B 1 5  ? 9.254   0.279   1.877   1.00 26.47 ? 15  DC  B "C5'" 1 
ATOM   280 C "C4'" . DC  B 1 5  ? 8.295   -0.838  1.564   1.00 25.87 ? 15  DC  B "C4'" 1 
ATOM   281 O "O4'" . DC  B 1 5  ? 6.934   -0.477  1.851   1.00 22.46 ? 15  DC  B "O4'" 1 
ATOM   282 C "C3'" . DC  B 1 5  ? 8.325   -1.273  0.107   1.00 29.30 ? 15  DC  B "C3'" 1 
ATOM   283 O "O3'" . DC  B 1 5  ? 8.485   -2.690  0.099   1.00 37.76 ? 15  DC  B "O3'" 1 
ATOM   284 C "C2'" . DC  B 1 5  ? 6.973   -0.825  -0.435  1.00 26.03 ? 15  DC  B "C2'" 1 
ATOM   285 C "C1'" . DC  B 1 5  ? 6.095   -0.875  0.804   1.00 19.14 ? 15  DC  B "C1'" 1 
ATOM   286 N N1    . DC  B 1 5  ? 4.893   -0.015  0.838   1.00 10.78 ? 15  DC  B N1    1 
ATOM   287 C C2    . DC  B 1 5  ? 3.700   -0.565  1.322   1.00 9.47  ? 15  DC  B C2    1 
ATOM   288 O O2    . DC  B 1 5  ? 3.703   -1.731  1.730   1.00 13.92 ? 15  DC  B O2    1 
ATOM   289 N N3    . DC  B 1 5  ? 2.587   0.178   1.347   1.00 6.98  ? 15  DC  B N3    1 
ATOM   290 C C4    . DC  B 1 5  ? 2.629   1.447   0.942   1.00 8.01  ? 15  DC  B C4    1 
ATOM   291 N N4    . DC  B 1 5  ? 1.523   2.177   1.061   1.00 12.20 ? 15  DC  B N4    1 
ATOM   292 C C5    . DC  B 1 5  ? 3.816   2.035   0.428   1.00 5.50  ? 15  DC  B C5    1 
ATOM   293 C C6    . DC  B 1 5  ? 4.924   1.274   0.404   1.00 6.58  ? 15  DC  B C6    1 
ATOM   294 P P     . DI  B 1 6  ? 8.888   -3.431  -1.252  1.00 42.16 ? 16  DI  B P     1 
ATOM   295 O OP1   . DI  B 1 6  ? 10.019  -4.363  -0.982  1.00 41.76 ? 16  DI  B OP1   1 
ATOM   296 O OP2   . DI  B 1 6  ? 9.040   -2.375  -2.295  1.00 44.03 ? 16  DI  B OP2   1 
ATOM   297 O "O5'" . DI  B 1 6  ? 7.557   -4.245  -1.525  1.00 39.91 ? 16  DI  B "O5'" 1 
ATOM   298 C "C5'" . DI  B 1 6  ? 6.870   -4.879  -0.423  1.00 34.65 ? 16  DI  B "C5'" 1 
ATOM   299 C "C4'" . DI  B 1 6  ? 5.515   -5.362  -0.873  1.00 32.50 ? 16  DI  B "C4'" 1 
ATOM   300 O "O4'" . DI  B 1 6  ? 4.538   -4.316  -0.776  1.00 29.42 ? 16  DI  B "O4'" 1 
ATOM   301 C "C3'" . DI  B 1 6  ? 5.437   -5.891  -2.313  1.00 31.49 ? 16  DI  B "C3'" 1 
ATOM   302 O "O3'" . DI  B 1 6  ? 4.418   -6.882  -2.352  1.00 33.79 ? 16  DI  B "O3'" 1 
ATOM   303 C "C2'" . DI  B 1 6  ? 4.911   -4.682  -3.071  1.00 26.63 ? 16  DI  B "C2'" 1 
ATOM   304 C "C1'" . DI  B 1 6  ? 3.892   -4.188  -2.035  1.00 24.21 ? 16  DI  B "C1'" 1 
ATOM   305 N N9    . DI  B 1 6  ? 3.454   -2.807  -2.155  1.00 13.97 ? 16  DI  B N9    1 
ATOM   306 C C8    . DI  B 1 6  ? 4.241   -1.745  -2.481  1.00 14.04 ? 16  DI  B C8    1 
ATOM   307 N N7    . DI  B 1 6  ? 3.592   -0.618  -2.464  1.00 17.62 ? 16  DI  B N7    1 
ATOM   308 C C5    . DI  B 1 6  ? 2.299   -0.967  -2.106  1.00 10.05 ? 16  DI  B C5    1 
ATOM   309 C C6    . DI  B 1 6  ? 1.196   -0.167  -1.934  1.00 14.04 ? 16  DI  B C6    1 
ATOM   310 O O6    . DI  B 1 6  ? 1.141   1.063   -2.084  1.00 23.62 ? 16  DI  B O6    1 
ATOM   311 N N1    . DI  B 1 6  ? 0.056   -0.904  -1.566  1.00 11.81 ? 16  DI  B N1    1 
ATOM   312 C C2    . DI  B 1 6  ? 0.026   -2.258  -1.416  1.00 9.00  ? 16  DI  B C2    1 
ATOM   313 N N3    . DI  B 1 6  ? 1.088   -3.028  -1.592  1.00 13.54 ? 16  DI  B N3    1 
ATOM   314 C C4    . DI  B 1 6  ? 2.185   -2.312  -1.931  1.00 8.13  ? 16  DI  B C4    1 
ATOM   315 P P     . DC  B 1 7  ? 4.611   -8.183  -3.219  1.00 42.76 ? 17  DC  B P     1 
ATOM   316 O OP1   . DC  B 1 7  ? 4.963   -9.319  -2.301  1.00 39.90 ? 17  DC  B OP1   1 
ATOM   317 O OP2   . DC  B 1 7  ? 5.508   -7.840  -4.364  1.00 37.44 ? 17  DC  B OP2   1 
ATOM   318 O "O5'" . DC  B 1 7  ? 3.145   -8.367  -3.771  1.00 29.21 ? 17  DC  B "O5'" 1 
ATOM   319 C "C5'" . DC  B 1 7  ? 2.418   -7.199  -4.021  1.00 28.68 ? 17  DC  B "C5'" 1 
ATOM   320 C "C4'" . DC  B 1 7  ? 1.001   -7.395  -3.605  1.00 25.53 ? 17  DC  B "C4'" 1 
ATOM   321 O "O4'" . DC  B 1 7  ? 0.534   -6.097  -3.212  1.00 25.74 ? 17  DC  B "O4'" 1 
ATOM   322 C "C3'" . DC  B 1 7  ? 0.099   -7.843  -4.745  1.00 26.84 ? 17  DC  B "C3'" 1 
ATOM   323 O "O3'" . DC  B 1 7  ? -0.919  -8.704  -4.264  1.00 36.89 ? 17  DC  B "O3'" 1 
ATOM   324 C "C2'" . DC  B 1 7  ? -0.452  -6.529  -5.268  1.00 23.38 ? 17  DC  B "C2'" 1 
ATOM   325 C "C1'" . DC  B 1 7  ? -0.460  -5.606  -4.068  1.00 18.17 ? 17  DC  B "C1'" 1 
ATOM   326 N N1    . DC  B 1 7  ? -0.072  -4.247  -4.434  1.00 8.18  ? 17  DC  B N1    1 
ATOM   327 C C2    . DC  B 1 7  ? -0.894  -3.197  -4.092  1.00 10.74 ? 17  DC  B C2    1 
ATOM   328 O O2    . DC  B 1 7  ? -1.943  -3.448  -3.499  1.00 19.11 ? 17  DC  B O2    1 
ATOM   329 N N3    . DC  B 1 7  ? -0.535  -1.929  -4.424  1.00 6.06  ? 17  DC  B N3    1 
ATOM   330 C C4    . DC  B 1 7  ? 0.626   -1.725  -5.064  1.00 13.42 ? 17  DC  B C4    1 
ATOM   331 N N4    . DC  B 1 7  ? 1.026   -0.447  -5.334  1.00 17.92 ? 17  DC  B N4    1 
ATOM   332 C C5    . DC  B 1 7  ? 1.466   -2.802  -5.451  1.00 6.50  ? 17  DC  B C5    1 
ATOM   333 C C6    . DC  B 1 7  ? 1.092   -4.034  -5.096  1.00 14.02 ? 17  DC  B C6    1 
ATOM   334 P P     . DC  B 1 8  ? -2.021  -9.281  -5.285  1.00 41.66 ? 18  DC  B P     1 
ATOM   335 O OP1   . DC  B 1 8  ? -2.870  -10.239 -4.513  1.00 39.80 ? 18  DC  B OP1   1 
ATOM   336 O OP2   . DC  B 1 8  ? -1.317  -9.741  -6.541  1.00 44.08 ? 18  DC  B OP2   1 
ATOM   337 O "O5'" . DC  B 1 8  ? -2.893  -8.008  -5.652  1.00 33.23 ? 18  DC  B "O5'" 1 
ATOM   338 C "C5'" . DC  B 1 8  ? -3.889  -7.556  -4.761  1.00 27.22 ? 18  DC  B "C5'" 1 
ATOM   339 C "C4'" . DC  B 1 8  ? -4.738  -6.507  -5.430  1.00 23.10 ? 18  DC  B "C4'" 1 
ATOM   340 O "O4'" . DC  B 1 8  ? -3.984  -5.289  -5.613  1.00 21.32 ? 18  DC  B "O4'" 1 
ATOM   341 C "C3'" . DC  B 1 8  ? -5.310  -6.865  -6.796  1.00 23.79 ? 18  DC  B "C3'" 1 
ATOM   342 O "O3'" . DC  B 1 8  ? -6.671  -6.456  -6.784  1.00 26.13 ? 18  DC  B "O3'" 1 
ATOM   343 C "C2'" . DC  B 1 8  ? -4.534  -5.951  -7.730  1.00 21.66 ? 18  DC  B "C2'" 1 
ATOM   344 C "C1'" . DC  B 1 8  ? -4.331  -4.722  -6.857  1.00 18.85 ? 18  DC  B "C1'" 1 
ATOM   345 N N1    . DC  B 1 8  ? -3.244  -3.796  -7.292  1.00 11.51 ? 18  DC  B N1    1 
ATOM   346 C C2    . DC  B 1 8  ? -3.424  -2.398  -7.152  1.00 8.88  ? 18  DC  B C2    1 
ATOM   347 O O2    . DC  B 1 8  ? -4.452  -1.972  -6.609  1.00 14.00 ? 18  DC  B O2    1 
ATOM   348 N N3    . DC  B 1 8  ? -2.467  -1.543  -7.612  1.00 5.02  ? 18  DC  B N3    1 
ATOM   349 C C4    . DC  B 1 8  ? -1.361  -2.036  -8.189  1.00 12.36 ? 18  DC  B C4    1 
ATOM   350 N N4    . DC  B 1 8  ? -0.427  -1.173  -8.622  1.00 13.73 ? 18  DC  B N4    1 
ATOM   351 C C5    . DC  B 1 8  ? -1.144  -3.443  -8.342  1.00 11.10 ? 18  DC  B C5    1 
ATOM   352 C C6    . DC  B 1 8  ? -2.093  -4.280  -7.864  1.00 16.32 ? 18  DC  B C6    1 
ATOM   353 P P     . DI  B 1 9  ? -7.791  -7.208  -7.682  1.00 32.66 ? 19  DI  B P     1 
ATOM   354 O OP1   . DI  B 1 9  ? -8.644  -8.079  -6.835  1.00 36.72 ? 19  DI  B OP1   1 
ATOM   355 O OP2   . DI  B 1 9  ? -7.250  -7.753  -8.958  1.00 32.85 ? 19  DI  B OP2   1 
ATOM   356 O "O5'" . DI  B 1 9  ? -8.674  -5.940  -8.012  1.00 30.68 ? 19  DI  B "O5'" 1 
ATOM   357 C "C5'" . DI  B 1 9  ? -8.888  -4.970  -6.975  1.00 29.29 ? 19  DI  B "C5'" 1 
ATOM   358 C "C4'" . DI  B 1 9  ? -8.963  -3.596  -7.580  1.00 30.66 ? 19  DI  B "C4'" 1 
ATOM   359 O "O4'" . DI  B 1 9  ? -7.663  -3.162  -8.038  1.00 29.14 ? 19  DI  B "O4'" 1 
ATOM   360 C "C3'" . DI  B 1 9  ? -9.872  -3.520  -8.803  1.00 33.09 ? 19  DI  B "C3'" 1 
ATOM   361 O "O3'" . DI  B 1 9  ? -10.529 -2.256  -8.779  1.00 37.77 ? 19  DI  B "O3'" 1 
ATOM   362 C "C2'" . DI  B 1 9  ? -8.888  -3.570  -9.960  1.00 29.45 ? 19  DI  B "C2'" 1 
ATOM   363 C "C1'" . DI  B 1 9  ? -7.778  -2.713  -9.378  1.00 26.39 ? 19  DI  B "C1'" 1 
ATOM   364 N N9    . DI  B 1 9  ? -6.458  -2.824  -9.981  1.00 12.56 ? 19  DI  B N9    1 
ATOM   365 C C8    . DI  B 1 9  ? -5.808  -3.965  -10.320 1.00 8.09  ? 19  DI  B C8    1 
ATOM   366 N N7    . DI  B 1 9  ? -4.587  -3.740  -10.729 1.00 15.08 ? 19  DI  B N7    1 
ATOM   367 C C5    . DI  B 1 9  ? -4.445  -2.371  -10.672 1.00 5.55  ? 19  DI  B C5    1 
ATOM   368 C C6    . DI  B 1 9  ? -3.326  -1.586  -10.940 1.00 5.96  ? 19  DI  B C6    1 
ATOM   369 O O6    . DI  B 1 9  ? -2.200  -1.944  -11.319 1.00 14.03 ? 19  DI  B O6    1 
ATOM   370 N N1    . DI  B 1 9  ? -3.575  -0.254  -10.729 1.00 2.00  ? 19  DI  B N1    1 
ATOM   371 C C2    . DI  B 1 9  ? -4.780  0.260   -10.320 1.00 11.90 ? 19  DI  B C2    1 
ATOM   372 N N3    . DI  B 1 9  ? -5.861  -0.480  -10.062 1.00 9.60  ? 19  DI  B N3    1 
ATOM   373 C C4    . DI  B 1 9  ? -5.607  -1.778  -10.247 1.00 8.42  ? 19  DI  B C4    1 
ATOM   374 P P     . DI  B 1 10 ? -11.855 -2.041  -9.648  1.00 41.67 ? 20  DI  B P     1 
ATOM   375 O OP1   . DI  B 1 10 ? -13.011 -1.702  -8.721  1.00 39.26 ? 20  DI  B OP1   1 
ATOM   376 O OP2   . DI  B 1 10 ? -11.949 -3.233  -10.548 1.00 38.38 ? 20  DI  B OP2   1 
ATOM   377 O "O5'" . DI  B 1 10 ? -11.468 -0.739  -10.476 1.00 37.56 ? 20  DI  B "O5'" 1 
ATOM   378 C "C5'" . DI  B 1 10 ? -11.221 0.504   -9.795  1.00 30.98 ? 20  DI  B "C5'" 1 
ATOM   379 C "C4'" . DI  B 1 10 ? -10.778 1.549   -10.789 1.00 31.92 ? 20  DI  B "C4'" 1 
ATOM   380 O "O4'" . DI  B 1 10 ? -9.409  1.286   -11.178 1.00 31.41 ? 20  DI  B "O4'" 1 
ATOM   381 C "C3'" . DI  B 1 10 ? -11.578 1.543   -12.092 1.00 26.32 ? 20  DI  B "C3'" 1 
ATOM   382 O "O3'" . DI  B 1 10 ? -11.456 2.881   -12.555 1.00 28.93 ? 20  DI  B "O3'" 1 
ATOM   383 C "C2'" . DI  B 1 10 ? -10.730 0.655   -12.992 1.00 19.19 ? 20  DI  B "C2'" 1 
ATOM   384 C "C1'" . DI  B 1 10 ? -9.345  1.107   -12.569 1.00 20.47 ? 20  DI  B "C1'" 1 
ATOM   385 N N9    . DI  B 1 10 ? -8.228  0.211   -12.837 1.00 16.41 ? 20  DI  B N9    1 
ATOM   386 C C8    . DI  B 1 10 ? -8.250  -1.157  -12.792 1.00 14.43 ? 20  DI  B C8    1 
ATOM   387 N N7    . DI  B 1 10 ? -7.108  -1.693  -13.146 1.00 19.96 ? 20  DI  B N7    1 
ATOM   388 C C5    . DI  B 1 10 ? -6.270  -0.604  -13.418 1.00 13.52 ? 20  DI  B C5    1 
ATOM   389 C C6    . DI  B 1 10 ? -4.932  -0.568  -13.835 1.00 6.64  ? 20  DI  B C6    1 
ATOM   390 O O6    . DI  B 1 10 ? -4.170  -1.510  -14.037 1.00 17.88 ? 20  DI  B O6    1 
ATOM   391 N N1    . DI  B 1 10 ? -4.470  0.731   -14.004 1.00 6.51  ? 20  DI  B N1    1 
ATOM   392 C C2    . DI  B 1 10 ? -5.211  1.872   -13.772 1.00 6.31  ? 20  DI  B C2    1 
ATOM   393 N N3    . DI  B 1 10 ? -6.472  1.854   -13.365 1.00 7.66  ? 20  DI  B N3    1 
ATOM   394 C C4    . DI  B 1 10 ? -6.942  0.583   -13.214 1.00 13.65 ? 20  DI  B C4    1 
HETATM 395 C C1    . NT  C 2 .  ? -6.002  5.384   -10.650 1.00 42.61 ? 25  NT  A C1    1 
HETATM 396 N N1    . NT  C 2 .  ? -4.854  5.127   -11.275 1.00 35.88 ? 25  NT  A N1    1 
HETATM 397 N N2    . NT  C 2 .  ? -6.799  6.420   -10.988 1.00 45.45 ? 25  NT  A N2    1 
HETATM 398 N N3    . NT  C 2 .  ? -6.442  4.574   -9.687  1.00 39.83 ? 25  NT  A N3    1 
HETATM 399 C C2    . NT  C 2 .  ? -6.863  3.243   -10.060 1.00 37.76 ? 25  NT  A C2    1 
HETATM 400 C C3    . NT  C 2 .  ? -7.695  2.647   -8.930  1.00 37.01 ? 25  NT  A C3    1 
HETATM 401 O O1    . NT  C 2 .  ? -8.818  2.945   -8.503  1.00 33.35 ? 25  NT  A O1    1 
HETATM 402 N N4    . NT  C 2 .  ? -6.996  1.642   -8.392  1.00 34.87 ? 25  NT  A N4    1 
HETATM 403 C C4    . NT  C 2 .  ? -7.641  0.983   -7.358  1.00 29.88 ? 25  NT  A C4    1 
HETATM 404 C C5    . NT  C 2 .  ? -7.207  -0.116  -6.659  1.00 28.40 ? 25  NT  A C5    1 
HETATM 405 C C6    . NT  C 2 .  ? -8.185  -0.444  -5.767  1.00 29.12 ? 25  NT  A C6    1 
HETATM 406 N N5    . NT  C 2 .  ? -9.214  0.433   -5.884  1.00 31.53 ? 25  NT  A N5    1 
HETATM 407 C C8    . NT  C 2 .  ? -10.555 0.598   -5.179  1.00 33.81 ? 25  NT  A C8    1 
HETATM 408 C C7    . NT  C 2 .  ? -8.922  1.311   -6.842  1.00 29.80 ? 25  NT  A C7    1 
HETATM 409 C C9    . NT  C 2 .  ? -8.103  -1.600  -4.908  1.00 32.61 ? 25  NT  A C9    1 
HETATM 410 O O2    . NT  C 2 .  ? -9.120  -2.170  -4.528  1.00 37.26 ? 25  NT  A O2    1 
HETATM 411 N N6    . NT  C 2 .  ? -6.830  -1.967  -4.625  1.00 31.63 ? 25  NT  A N6    1 
HETATM 412 C C10   . NT  C 2 .  ? -6.496  -3.072  -3.826  1.00 22.73 ? 25  NT  A C10   1 
HETATM 413 C C11   . NT  C 2 .  ? -5.283  -3.290  -3.201  1.00 19.87 ? 25  NT  A C11   1 
HETATM 414 C C12   . NT  C 2 .  ? -5.270  -4.501  -2.556  1.00 16.57 ? 25  NT  A C12   1 
HETATM 415 N N7    . NT  C 2 .  ? -6.516  -5.034  -2.768  1.00 18.41 ? 25  NT  A N7    1 
HETATM 416 C C14   . NT  C 2 .  ? -7.140  -6.361  -2.338  1.00 20.65 ? 25  NT  A C14   1 
HETATM 417 C C13   . NT  C 2 .  ? -7.277  -4.221  -3.519  1.00 18.82 ? 25  NT  A C13   1 
HETATM 418 C C15   . NT  C 2 .  ? -4.061  -5.066  -1.927  1.00 18.19 ? 25  NT  A C15   1 
HETATM 419 O O3    . NT  C 2 .  ? -3.721  -6.217  -1.619  1.00 23.62 ? 25  NT  A O3    1 
HETATM 420 N N8    . NT  C 2 .  ? -3.115  -4.174  -1.755  1.00 18.19 ? 25  NT  A N8    1 
HETATM 421 C C16   . NT  C 2 .  ? -1.941  -4.857  -1.234  1.00 18.02 ? 25  NT  A C16   1 
HETATM 422 C C17   . NT  C 2 .  ? -1.852  -6.043  -0.284  1.00 21.06 ? 25  NT  A C17   1 
HETATM 423 C C18   . NT  C 2 .  ? -0.417  -6.383  0.186   1.00 19.66 ? 25  NT  A C18   1 
HETATM 424 N N9    . NT  C 2 .  ? -0.200  -7.454  0.925   1.00 21.75 ? 25  NT  A N9    1 
HETATM 425 N N10   . NT  C 2 .  ? 0.611   -5.548  0.119   1.00 18.89 ? 25  NT  A N10   1 
HETATM 426 O O     . HOH D 3 .  ? -11.224 -5.010  -0.442  1.00 51.65 ? 103 HOH A O     1 
HETATM 427 O O     . HOH D 3 .  ? -0.326  11.600  -1.509  1.00 47.65 ? 106 HOH A O     1 
HETATM 428 O O     . HOH D 3 .  ? -11.107 1.552   5.404   1.00 25.64 ? 107 HOH A O     1 
HETATM 429 O O     . HOH D 3 .  ? 7.247   -0.897  6.347   1.00 33.23 ? 113 HOH A O     1 
HETATM 430 O O     . HOH D 3 .  ? -2.472  13.084  -6.395  1.00 42.78 ? 115 HOH A O     1 
HETATM 431 O O     . HOH D 3 .  ? -5.971  -9.772  2.795   1.00 51.86 ? 121 HOH A O     1 
HETATM 432 O O     . HOH D 3 .  ? 14.794  -0.185  7.063   1.00 58.87 ? 125 HOH A O     1 
HETATM 433 O O     . HOH D 3 .  ? -12.042 0.054   0.792   1.00 42.87 ? 128 HOH A O     1 
HETATM 434 O O     . HOH D 3 .  ? -1.547  -2.019  10.663  1.00 45.37 ? 129 HOH A O     1 
HETATM 435 O O     . HOH D 3 .  ? -3.722  -9.409  -0.660  1.00 48.06 ? 130 HOH A O     1 
HETATM 436 O O     . HOH E 3 .  ? 6.720   -4.509  3.534   1.00 19.29 ? 101 HOH B O     1 
HETATM 437 O O     . HOH E 3 .  ? 4.087   -3.816  3.315   1.00 30.92 ? 102 HOH B O     1 
HETATM 438 O O     . HOH E 3 .  ? -1.258  3.509   5.297   1.00 46.62 ? 105 HOH B O     1 
HETATM 439 O O     . HOH E 3 .  ? 10.101  -9.006  -6.853  1.00 21.43 ? 108 HOH B O     1 
HETATM 440 O O     . HOH E 3 .  ? 18.614  -5.143  -6.312  1.00 51.41 ? 109 HOH B O     1 
HETATM 441 O O     . HOH E 3 .  ? 8.567   3.426   -8.743  1.00 41.13 ? 110 HOH B O     1 
HETATM 442 O O     . HOH E 3 .  ? 7.307   -7.409  -5.868  1.00 43.17 ? 111 HOH B O     1 
HETATM 443 O O     . HOH E 3 .  ? 10.440  -6.139  -10.925 1.00 50.25 ? 112 HOH B O     1 
HETATM 444 O O     . HOH E 3 .  ? 8.847   1.409   6.427   1.00 54.26 ? 114 HOH B O     1 
HETATM 445 O O     . HOH E 3 .  ? -3.898  2.453   3.999   1.00 25.52 ? 116 HOH B O     1 
HETATM 446 O O     . HOH E 3 .  ? -1.502  5.711   2.579   1.00 45.11 ? 117 HOH B O     1 
HETATM 447 O O     . HOH E 3 .  ? 1.522   13.445  1.612   1.00 30.19 ? 118 HOH B O     1 
HETATM 448 O O     . HOH E 3 .  ? 0.627   10.885  13.514  1.00 42.80 ? 119 HOH B O     1 
HETATM 449 O O     . HOH E 3 .  ? -3.651  -7.092  -11.024 1.00 33.89 ? 120 HOH B O     1 
HETATM 450 O O     . HOH E 3 .  ? 7.035   5.038   10.929  1.00 39.56 ? 122 HOH B O     1 
HETATM 451 O O     . HOH E 3 .  ? -1.376  0.080   12.390  1.00 34.65 ? 123 HOH B O     1 
HETATM 452 O O     . HOH E 3 .  ? 8.135   6.133   13.302  1.00 51.17 ? 124 HOH B O     1 
HETATM 453 O O     . HOH E 3 .  ? 5.430   5.235   17.354  1.00 36.26 ? 126 HOH B O     1 
HETATM 454 O O     . HOH E 3 .  ? 12.193  7.281   2.757   1.00 34.29 ? 127 HOH B O     1 
HETATM 455 O O     . HOH E 3 .  ? -8.905  -6.568  -11.040 1.00 50.87 ? 131 HOH B O     1 
HETATM 456 O O     . HOH E 3 .  ? -7.759  -4.832  -13.956 1.00 44.87 ? 132 HOH B O     1 
# 
